data_6OEL
#
_entry.id   6OEL
#
_cell.length_a   328.100
_cell.length_b   328.100
_cell.length_c   328.100
_cell.angle_alpha   90.000
_cell.angle_beta   90.000
_cell.angle_gamma   90.000
#
_symmetry.space_group_name_H-M   'F 41 3 2'
#
loop_
_entity.id
_entity.type
_entity.pdbx_description
1 polymer 'engineered Interleukin-4, RGA variant'
2 polymer 'Interleukin-4 receptor subunit alpha'
3 polymer 'Cytokine receptor common subunit gamma'
4 polymer 'engineered Fab heavy chain'
5 polymer 'engineered Fab light chain'
6 branched alpha-L-fucopyranose-(1-6)-2-acetamido-2-deoxy-beta-D-glucopyranose
7 non-polymer 2-acetamido-2-deoxy-beta-D-glucopyranose
8 non-polymer 'NITRATE ION'
9 water water
#
loop_
_entity_poly.entity_id
_entity_poly.type
_entity_poly.pdbx_seq_one_letter_code
_entity_poly.pdbx_strand_id
1 'polypeptide(L)'
;HKCDITLQEIIKTLNSLTEQKTLCTELTVTDIFAASKNTTEKETFCRAATVLRQFYSHHEKDTRCLGATAQQFHRHKQLI
RFLKRLDRNLWGLAGLNSCPVKEANQSTLENFLERLRVIMQSKWFKCGA
;
A
2 'polypeptide(L)'
;ADPFKVLQEPTCVSDYMSISTCEWKMNGPTNCSTELRLLYQLVFLLSEAHTCIPENNGGAGCVCHLLMDDVVSADNYTLD
LWAGQQLLWKGSFKPSEHVKPRAPGNLTVHTNVSDTLLLTWSNPYPPDNYLYNHLTYAVNIWSENDPADFRIYNVTYLEP
SLRIAASTLKSGISYRARVRAWAQCYNTTWSEWSPSTKWHNS
;
B
3 'polypeptide(L)'
;QCFVFNVEYMNCTWQSSSEPQPTNLTLHYWYKNSDNDKVQKCSHYLFSEEITSGCQLQKKEIHLYQTFVVQLQDPREPRR
QATQMLKLQNLVIPWAPENLTLHKLSESQLELNWNNRFLNHCLEHLVQYRTDWDHSWTEQSVDYRHKFSLPSVDGQKRYT
FRVRSRFNPLCGSAQHWSEWSHPIHWGSN
;
C
4 'polypeptide(L)'
;QVQLQQSGPGLVKPSQTLSLTCAISGDSVSSNIATWNWIRQSPSRGLEWLGRTYYRSKWYNDYAVSVRSRISISPDTSKN
QFSLQLNSVTPEDTAIYYCARFSGWLGTGDCWGQGTLVTVSSASTKGPSVFPLAPSSKSTSGGTAALGCLVKDYFPEPVT
VSWNSGALTSGVHTFPAVLQSSGLYSLSSVVTVPSSSLGTQTYICNVNHKPSNTKVDKKVCSRLEVLFQ
;
H
5 'polypeptide(L)'
;DIQVTQSPSSLSASVGDRVTITCRASQGISTWLAWYQQRPGKAPKLLIYAASSLETGVPSRFSGSGSGTDFTLTISSLQP
EDFATYYCQQSYSTPWTFGQGTKVEIKRTVAAPSVFIFPPSDSQLKSGTASVVCLLNNFYPREAKVQWKVDNALQSGNSQ
ESVTEQDSKDSTYSLSSTLTLSKADYEKHKVYACEVTHQGLSSPVTKSFNRGECSRGGLEVLFQ
;
L
#
# COMPACT_ATOMS: atom_id res chain seq x y z
N CYS A 3 -14.54 2.85 23.97
CA CYS A 3 -14.65 1.99 25.14
C CYS A 3 -13.29 1.80 25.80
N ASP A 4 -12.93 0.55 26.08
CA ASP A 4 -11.68 0.26 26.78
C ASP A 4 -11.20 -1.13 26.42
N ILE A 5 -9.87 -1.31 26.47
CA ILE A 5 -9.27 -2.64 26.44
C ILE A 5 -9.53 -3.36 27.75
N THR A 6 -9.62 -2.62 28.85
CA THR A 6 -9.83 -3.24 30.15
C THR A 6 -11.10 -4.07 30.17
N LEU A 7 -12.19 -3.55 29.60
CA LEU A 7 -13.44 -4.29 29.54
C LEU A 7 -13.26 -5.63 28.83
N GLN A 8 -12.34 -5.71 27.87
CA GLN A 8 -12.09 -6.97 27.18
C GLN A 8 -11.27 -7.93 28.05
N GLU A 9 -10.27 -7.42 28.77
CA GLU A 9 -9.51 -8.27 29.69
C GLU A 9 -10.43 -8.89 30.73
N ILE A 10 -11.41 -8.12 31.21
CA ILE A 10 -12.37 -8.61 32.20
C ILE A 10 -13.19 -9.75 31.60
N ILE A 11 -13.73 -9.54 30.40
CA ILE A 11 -14.54 -10.56 29.75
C ILE A 11 -13.71 -11.80 29.44
N LYS A 12 -12.48 -11.61 28.95
CA LYS A 12 -11.63 -12.75 28.62
C LYS A 12 -11.33 -13.59 29.86
N THR A 13 -11.24 -12.95 31.03
CA THR A 13 -11.00 -13.69 32.27
C THR A 13 -12.25 -14.45 32.73
N LEU A 14 -13.42 -13.81 32.63
CA LEU A 14 -14.65 -14.48 33.04
C LEU A 14 -14.99 -15.65 32.11
N ASN A 15 -14.67 -15.54 30.83
CA ASN A 15 -14.89 -16.67 29.93
C ASN A 15 -14.05 -17.87 30.33
N SER A 16 -12.84 -17.63 30.85
CA SER A 16 -11.99 -18.72 31.30
C SER A 16 -12.39 -19.23 32.68
N LEU A 17 -13.00 -18.37 33.51
CA LEU A 17 -13.41 -18.79 34.84
C LEU A 17 -14.65 -19.66 34.81
N THR A 18 -15.71 -19.19 34.13
CA THR A 18 -16.97 -19.93 34.07
C THR A 18 -16.81 -21.27 33.36
N GLU A 19 -15.73 -21.47 32.62
CA GLU A 19 -15.47 -22.76 31.98
C GLU A 19 -14.80 -23.74 32.94
N GLN A 20 -13.77 -23.29 33.66
CA GLN A 20 -12.99 -24.14 34.55
C GLN A 20 -13.33 -23.81 36.00
N LYS A 21 -14.11 -24.68 36.63
CA LYS A 21 -14.52 -24.52 38.02
C LYS A 21 -13.81 -25.54 38.89
N THR A 22 -13.60 -25.18 40.17
CA THR A 22 -12.83 -26.03 41.07
C THR A 22 -13.65 -26.47 42.28
N LEU A 23 -12.97 -26.71 43.40
CA LEU A 23 -13.57 -27.23 44.62
C LEU A 23 -14.24 -26.13 45.45
N CYS A 24 -13.54 -25.03 45.70
CA CYS A 24 -14.06 -23.95 46.51
C CYS A 24 -14.84 -22.92 45.71
N THR A 25 -15.17 -23.23 44.46
CA THR A 25 -16.06 -22.35 43.69
C THR A 25 -17.51 -22.44 44.15
N GLU A 26 -17.85 -23.43 44.98
CA GLU A 26 -19.20 -23.61 45.51
C GLU A 26 -19.48 -22.76 46.74
N LEU A 27 -18.47 -22.11 47.32
CA LEU A 27 -18.66 -21.27 48.48
C LEU A 27 -19.48 -20.04 48.12
N THR A 28 -19.96 -19.34 49.16
CA THR A 28 -20.93 -18.27 49.00
C THR A 28 -20.28 -16.90 49.20
N VAL A 29 -20.79 -15.90 48.48
CA VAL A 29 -20.38 -14.51 48.60
C VAL A 29 -21.63 -13.63 48.54
N THR A 30 -21.43 -12.32 48.65
CA THR A 30 -22.54 -11.38 48.70
C THR A 30 -22.99 -11.04 47.28
N ASP A 31 -24.19 -11.49 46.90
CA ASP A 31 -24.72 -11.19 45.58
C ASP A 31 -25.12 -9.72 45.52
N ILE A 32 -24.21 -8.88 45.00
CA ILE A 32 -24.48 -7.45 44.87
C ILE A 32 -25.42 -7.12 43.73
N PHE A 33 -25.75 -8.10 42.87
CA PHE A 33 -26.66 -7.86 41.76
C PHE A 33 -28.11 -8.05 42.16
N ALA A 34 -28.40 -9.06 43.00
CA ALA A 34 -29.77 -9.28 43.44
C ALA A 34 -30.29 -8.13 44.30
N ALA A 35 -29.40 -7.46 45.01
CA ALA A 35 -29.80 -6.32 45.84
C ALA A 35 -29.20 -5.03 45.30
N SER A 36 -29.30 -4.81 44.00
CA SER A 36 -28.80 -3.58 43.36
C SER A 36 -29.96 -2.59 43.29
N LYS A 37 -30.03 -1.68 44.26
CA LYS A 37 -31.13 -0.74 44.37
C LYS A 37 -30.95 0.42 43.38
N ASN A 38 -30.83 0.05 42.11
CA ASN A 38 -30.63 0.98 41.01
C ASN A 38 -29.42 1.88 41.27
N THR A 39 -28.27 1.24 41.38
CA THR A 39 -27.02 1.95 41.59
C THR A 39 -26.35 2.25 40.26
N THR A 40 -25.38 3.17 40.30
CA THR A 40 -24.66 3.52 39.10
C THR A 40 -23.73 2.38 38.67
N GLU A 41 -23.25 2.47 37.43
CA GLU A 41 -22.43 1.40 36.87
C GLU A 41 -21.10 1.27 37.59
N LYS A 42 -20.52 2.39 38.04
CA LYS A 42 -19.22 2.32 38.71
C LYS A 42 -19.34 1.75 40.12
N GLU A 43 -20.48 1.95 40.78
CA GLU A 43 -20.69 1.34 42.09
C GLU A 43 -20.73 -0.17 42.00
N THR A 44 -21.27 -0.71 40.90
CA THR A 44 -21.32 -2.17 40.75
C THR A 44 -19.93 -2.74 40.50
N PHE A 45 -19.11 -2.04 39.70
CA PHE A 45 -17.73 -2.47 39.49
C PHE A 45 -16.96 -2.47 40.81
N CYS A 46 -17.05 -1.36 41.56
CA CYS A 46 -16.32 -1.25 42.81
C CYS A 46 -16.74 -2.33 43.80
N ARG A 47 -18.03 -2.66 43.83
CA ARG A 47 -18.50 -3.71 44.75
C ARG A 47 -18.12 -5.10 44.24
N ALA A 48 -18.19 -5.31 42.93
CA ALA A 48 -17.81 -6.61 42.38
C ALA A 48 -16.34 -6.91 42.71
N ALA A 49 -15.48 -5.89 42.67
CA ALA A 49 -14.08 -6.10 43.01
C ALA A 49 -13.89 -6.42 44.48
N THR A 50 -14.63 -5.74 45.36
CA THR A 50 -14.48 -6.00 46.79
C THR A 50 -14.92 -7.41 47.14
N VAL A 51 -16.02 -7.88 46.56
CA VAL A 51 -16.49 -9.24 46.80
C VAL A 51 -15.44 -10.25 46.36
N LEU A 52 -14.86 -10.05 45.17
CA LEU A 52 -13.79 -10.93 44.70
C LEU A 52 -12.55 -10.79 45.56
N ARG A 53 -12.21 -9.56 45.95
CA ARG A 53 -11.04 -9.35 46.81
C ARG A 53 -11.20 -10.08 48.13
N GLN A 54 -12.38 -9.97 48.75
CA GLN A 54 -12.63 -10.66 50.02
C GLN A 54 -12.58 -12.17 49.87
N PHE A 55 -12.68 -12.70 48.64
CA PHE A 55 -12.68 -14.15 48.46
C PHE A 55 -11.26 -14.71 48.39
N TYR A 56 -10.46 -14.22 47.44
CA TYR A 56 -9.11 -14.78 47.33
C TYR A 56 -8.22 -14.38 48.50
N SER A 57 -8.58 -13.34 49.25
CA SER A 57 -7.87 -13.08 50.50
C SER A 57 -8.22 -14.11 51.56
N HIS A 58 -9.47 -14.58 51.55
CA HIS A 58 -9.92 -15.55 52.55
C HIS A 58 -9.51 -16.97 52.17
N HIS A 59 -9.41 -17.28 50.88
CA HIS A 59 -9.28 -18.66 50.43
C HIS A 59 -8.01 -18.95 49.63
N GLU A 60 -7.05 -18.04 49.58
CA GLU A 60 -5.80 -18.36 48.90
C GLU A 60 -5.03 -19.44 49.64
N LYS A 61 -4.76 -19.22 50.93
CA LYS A 61 -4.07 -20.19 51.76
C LYS A 61 -5.03 -21.15 52.48
N ASP A 62 -6.32 -21.11 52.16
CA ASP A 62 -7.30 -22.01 52.74
C ASP A 62 -6.97 -23.45 52.36
N THR A 63 -6.52 -24.24 53.34
CA THR A 63 -6.09 -25.61 53.07
C THR A 63 -7.21 -26.47 52.52
N ARG A 64 -8.46 -26.13 52.84
CA ARG A 64 -9.60 -26.87 52.29
C ARG A 64 -9.74 -26.64 50.79
N CYS A 65 -9.30 -25.49 50.29
CA CYS A 65 -9.43 -25.17 48.88
C CYS A 65 -8.31 -25.73 48.03
N LEU A 66 -7.20 -26.14 48.64
CA LEU A 66 -6.13 -26.79 47.89
C LEU A 66 -6.62 -28.14 47.35
N GLY A 67 -5.84 -28.69 46.42
CA GLY A 67 -6.19 -29.97 45.85
C GLY A 67 -5.34 -31.12 46.36
N ALA A 68 -5.80 -32.35 46.14
CA ALA A 68 -5.00 -33.52 46.46
C ALA A 68 -3.96 -33.80 45.38
N THR A 69 -4.40 -33.83 44.12
CA THR A 69 -3.49 -34.03 43.01
C THR A 69 -2.80 -32.72 42.64
N ALA A 70 -1.80 -32.82 41.76
CA ALA A 70 -1.09 -31.62 41.32
C ALA A 70 -1.97 -30.74 40.44
N GLN A 71 -2.72 -31.35 39.52
CA GLN A 71 -3.63 -30.56 38.69
C GLN A 71 -4.71 -29.87 39.52
N GLN A 72 -5.15 -30.52 40.60
CA GLN A 72 -6.12 -29.89 41.49
C GLN A 72 -5.49 -28.74 42.25
N PHE A 73 -4.18 -28.80 42.49
CA PHE A 73 -3.46 -27.66 43.07
C PHE A 73 -3.25 -26.56 42.04
N HIS A 74 -3.01 -26.94 40.78
CA HIS A 74 -2.86 -25.94 39.73
C HIS A 74 -4.15 -25.15 39.53
N ARG A 75 -5.30 -25.84 39.56
CA ARG A 75 -6.58 -25.16 39.36
C ARG A 75 -6.81 -24.09 40.42
N HIS A 76 -6.54 -24.42 41.68
CA HIS A 76 -6.78 -23.46 42.76
C HIS A 76 -5.89 -22.23 42.59
N LYS A 77 -4.60 -22.45 42.35
CA LYS A 77 -3.70 -21.34 42.09
C LYS A 77 -4.10 -20.58 40.83
N GLN A 78 -4.64 -21.28 39.83
CA GLN A 78 -5.09 -20.61 38.61
C GLN A 78 -6.35 -19.79 38.85
N LEU A 79 -7.25 -20.29 39.71
CA LEU A 79 -8.46 -19.53 40.03
C LEU A 79 -8.11 -18.26 40.79
N ILE A 80 -7.29 -18.37 41.84
CA ILE A 80 -6.90 -17.20 42.62
C ILE A 80 -6.18 -16.19 41.73
N ARG A 81 -5.35 -16.67 40.80
CA ARG A 81 -4.65 -15.75 39.90
C ARG A 81 -5.64 -14.95 39.06
N PHE A 82 -6.67 -15.63 38.51
CA PHE A 82 -7.65 -14.93 37.69
C PHE A 82 -8.53 -14.00 38.53
N LEU A 83 -8.84 -14.40 39.77
CA LEU A 83 -9.63 -13.53 40.63
C LEU A 83 -8.89 -12.24 40.95
N LYS A 84 -7.56 -12.31 41.09
CA LYS A 84 -6.79 -11.09 41.32
C LYS A 84 -6.80 -10.18 40.09
N ARG A 85 -6.82 -10.75 38.87
CA ARG A 85 -6.85 -9.92 37.68
C ARG A 85 -8.17 -9.18 37.56
N LEU A 86 -9.28 -9.83 37.93
CA LEU A 86 -10.57 -9.14 37.91
C LEU A 86 -10.62 -8.03 38.95
N ASP A 87 -10.10 -8.31 40.15
CA ASP A 87 -10.15 -7.32 41.21
C ASP A 87 -9.47 -6.02 40.79
N ARG A 88 -8.28 -6.12 40.19
CA ARG A 88 -7.55 -4.92 39.84
C ARG A 88 -8.12 -4.22 38.61
N ASN A 89 -8.70 -4.98 37.67
CA ASN A 89 -9.31 -4.34 36.51
C ASN A 89 -10.66 -3.73 36.85
N LEU A 90 -11.47 -4.42 37.66
CA LEU A 90 -12.73 -3.83 38.08
C LEU A 90 -12.53 -2.65 39.00
N TRP A 91 -11.45 -2.64 39.78
CA TRP A 91 -11.22 -1.54 40.72
C TRP A 91 -10.83 -0.27 39.99
N GLY A 92 -9.88 -0.36 39.05
CA GLY A 92 -9.47 0.82 38.30
C GLY A 92 -10.54 1.31 37.34
N LEU A 93 -11.35 0.39 36.81
CA LEU A 93 -12.44 0.81 35.92
C LEU A 93 -13.49 1.60 36.67
N ALA A 94 -13.72 1.27 37.95
CA ALA A 94 -14.72 1.97 38.74
C ALA A 94 -14.22 3.36 39.14
N GLY A 95 -13.01 3.43 39.69
CA GLY A 95 -12.46 4.69 40.15
C GLY A 95 -12.91 5.13 41.53
N LEU A 96 -13.86 4.42 42.13
CA LEU A 96 -14.34 4.79 43.46
C LEU A 96 -13.39 4.27 44.52
N ASN A 97 -13.09 5.12 45.51
CA ASN A 97 -12.23 4.71 46.61
C ASN A 97 -12.90 3.63 47.45
N SER A 98 -14.05 3.96 48.05
CA SER A 98 -14.79 3.03 48.90
C SER A 98 -16.24 2.98 48.44
N CYS A 99 -16.81 1.77 48.48
CA CYS A 99 -18.21 1.54 48.11
C CYS A 99 -18.80 0.56 49.11
N PRO A 100 -19.46 1.06 50.16
CA PRO A 100 -19.96 0.17 51.22
C PRO A 100 -20.93 -0.87 50.69
N VAL A 101 -20.59 -2.15 50.91
CA VAL A 101 -21.41 -3.27 50.44
C VAL A 101 -22.54 -3.45 51.45
N LYS A 102 -23.74 -2.99 51.09
CA LYS A 102 -24.87 -3.06 52.02
C LYS A 102 -25.32 -4.52 52.21
N GLU A 103 -26.28 -4.70 53.11
CA GLU A 103 -26.80 -6.03 53.40
C GLU A 103 -27.49 -6.61 52.17
N ALA A 104 -27.06 -7.81 51.78
CA ALA A 104 -27.61 -8.48 50.61
C ALA A 104 -27.57 -9.98 50.83
N ASN A 105 -28.43 -10.69 50.10
CA ASN A 105 -28.47 -12.15 50.18
C ASN A 105 -27.21 -12.75 49.56
N GLN A 106 -27.05 -14.05 49.76
CA GLN A 106 -25.84 -14.73 49.33
C GLN A 106 -26.00 -15.32 47.94
N SER A 107 -24.89 -15.81 47.40
CA SER A 107 -24.86 -16.48 46.12
C SER A 107 -23.54 -17.23 46.01
N THR A 108 -23.59 -18.43 45.44
CA THR A 108 -22.36 -19.17 45.23
C THR A 108 -21.46 -18.42 44.26
N LEU A 109 -20.15 -18.71 44.34
CA LEU A 109 -19.18 -17.97 43.56
C LEU A 109 -19.39 -18.16 42.07
N GLU A 110 -19.80 -19.37 41.65
CA GLU A 110 -20.01 -19.62 40.22
C GLU A 110 -21.12 -18.74 39.67
N ASN A 111 -22.24 -18.66 40.39
CA ASN A 111 -23.37 -17.84 39.93
C ASN A 111 -23.06 -16.35 40.03
N PHE A 112 -22.19 -15.95 40.96
CA PHE A 112 -21.74 -14.56 41.01
C PHE A 112 -20.92 -14.21 39.78
N LEU A 113 -20.07 -15.14 39.33
CA LEU A 113 -19.24 -14.89 38.16
C LEU A 113 -20.06 -14.97 36.87
N GLU A 114 -20.93 -15.98 36.76
CA GLU A 114 -21.76 -16.09 35.57
C GLU A 114 -22.65 -14.87 35.41
N ARG A 115 -23.26 -14.41 36.50
CA ARG A 115 -24.03 -13.17 36.44
C ARG A 115 -23.15 -11.98 36.09
N LEU A 116 -21.92 -11.97 36.58
CA LEU A 116 -20.99 -10.88 36.28
C LEU A 116 -20.59 -10.89 34.80
N ARG A 117 -20.34 -12.08 34.25
CA ARG A 117 -19.96 -12.17 32.83
C ARG A 117 -21.08 -11.66 31.94
N VAL A 118 -22.33 -11.92 32.32
CA VAL A 118 -23.47 -11.46 31.53
C VAL A 118 -23.51 -9.93 31.50
N ILE A 119 -23.26 -9.30 32.64
CA ILE A 119 -23.25 -7.84 32.71
C ILE A 119 -22.12 -7.27 31.85
N MET A 120 -20.95 -7.90 31.90
CA MET A 120 -19.80 -7.39 31.15
C MET A 120 -20.01 -7.53 29.64
N GLN A 121 -20.43 -8.71 29.20
CA GLN A 121 -20.74 -8.89 27.79
C GLN A 121 -21.84 -7.94 27.32
N SER A 122 -22.78 -7.61 28.20
CA SER A 122 -23.81 -6.64 27.84
C SER A 122 -23.25 -5.23 27.73
N LYS A 123 -22.36 -4.85 28.65
CA LYS A 123 -21.74 -3.53 28.57
C LYS A 123 -20.93 -3.39 27.28
N TRP A 124 -20.20 -4.45 26.90
CA TRP A 124 -19.42 -4.40 25.66
C TRP A 124 -20.31 -4.38 24.44
N PHE A 125 -21.48 -5.03 24.51
CA PHE A 125 -22.44 -4.97 23.42
C PHE A 125 -22.84 -3.53 23.13
N LYS A 126 -23.29 -2.80 24.14
CA LYS A 126 -23.62 -1.39 24.00
C LYS A 126 -22.38 -0.53 23.79
N CYS A 127 -21.19 -1.07 24.01
CA CYS A 127 -19.93 -0.32 23.83
C CYS A 127 -19.38 -0.57 22.42
N GLY A 128 -20.20 -0.24 21.43
CA GLY A 128 -19.83 -0.43 20.04
C GLY A 128 -19.67 0.86 19.28
N ALA A 129 -18.60 1.59 19.55
CA ALA A 129 -18.31 2.87 18.91
C ALA A 129 -19.47 3.86 19.07
N PHE B 4 24.75 15.01 41.36
CA PHE B 4 23.94 14.13 40.51
C PHE B 4 22.68 14.84 40.02
N LYS B 5 22.31 14.59 38.78
CA LYS B 5 21.10 15.17 38.19
C LYS B 5 20.62 14.28 37.06
N VAL B 6 19.32 14.33 36.81
CA VAL B 6 18.69 13.49 35.78
C VAL B 6 18.68 14.26 34.47
N LEU B 7 19.38 13.73 33.48
CA LEU B 7 19.42 14.36 32.15
C LEU B 7 18.09 14.16 31.43
N GLN B 8 17.86 12.95 30.92
CA GLN B 8 16.58 12.59 30.31
C GLN B 8 15.77 11.72 31.28
N GLU B 9 14.46 11.84 31.20
CA GLU B 9 13.59 11.17 32.16
C GLU B 9 13.53 9.67 31.89
N PRO B 10 13.39 8.85 32.93
CA PRO B 10 13.33 7.40 32.74
C PRO B 10 12.11 6.99 31.90
N THR B 11 12.37 6.24 30.84
CA THR B 11 11.32 5.67 30.02
C THR B 11 11.35 4.16 30.15
N CYS B 12 10.18 3.55 30.29
CA CYS B 12 10.06 2.13 30.57
C CYS B 12 9.22 1.44 29.50
N VAL B 13 9.51 0.16 29.29
CA VAL B 13 8.70 -0.71 28.45
C VAL B 13 8.43 -1.99 29.22
N SER B 14 7.35 -2.67 28.85
CA SER B 14 6.94 -3.90 29.50
C SER B 14 6.69 -4.98 28.46
N ASP B 15 6.96 -6.23 28.83
CA ASP B 15 6.57 -7.37 28.02
C ASP B 15 5.18 -7.88 28.37
N TYR B 16 4.48 -7.19 29.27
CA TYR B 16 3.12 -7.54 29.68
C TYR B 16 3.04 -8.98 30.21
N MET B 17 4.11 -9.46 30.83
CA MET B 17 4.04 -10.76 31.50
C MET B 17 4.83 -10.75 32.80
N SER B 18 6.13 -10.47 32.74
CA SER B 18 6.96 -10.62 33.93
C SER B 18 7.96 -9.50 34.13
N ILE B 19 8.55 -8.97 33.06
CA ILE B 19 9.68 -8.07 33.18
C ILE B 19 9.36 -6.75 32.50
N SER B 20 9.58 -5.65 33.23
CA SER B 20 9.65 -4.31 32.66
C SER B 20 11.11 -3.86 32.68
N THR B 21 11.40 -2.88 31.83
CA THR B 21 12.76 -2.34 31.70
C THR B 21 12.69 -0.83 31.60
N CYS B 22 13.56 -0.16 32.35
CA CYS B 22 13.60 1.31 32.35
C CYS B 22 15.01 1.78 32.05
N GLU B 23 15.11 2.85 31.26
CA GLU B 23 16.39 3.46 30.90
C GLU B 23 16.33 4.94 31.21
N TRP B 24 17.48 5.50 31.60
CA TRP B 24 17.59 6.94 31.79
C TRP B 24 19.06 7.34 31.69
N LYS B 25 19.31 8.54 31.18
CA LYS B 25 20.65 9.11 31.15
C LYS B 25 20.83 10.09 32.30
N MET B 26 22.07 10.20 32.76
CA MET B 26 22.40 11.01 33.92
C MET B 26 23.09 12.30 33.50
N ASN B 27 23.28 13.18 34.48
CA ASN B 27 24.00 14.43 34.28
C ASN B 27 25.46 14.13 33.95
N GLY B 28 26.18 13.58 34.92
CA GLY B 28 27.56 13.19 34.72
C GLY B 28 27.75 11.69 34.82
N PRO B 29 28.94 11.20 34.51
CA PRO B 29 29.20 9.76 34.59
C PRO B 29 28.98 9.23 35.99
N THR B 30 28.28 8.10 36.08
CA THR B 30 27.90 7.54 37.36
C THR B 30 28.01 6.02 37.34
N ASN B 31 28.37 5.45 38.49
CA ASN B 31 28.29 4.01 38.71
C ASN B 31 26.88 3.69 39.16
N CYS B 32 26.06 3.15 38.26
CA CYS B 32 24.64 2.96 38.54
C CYS B 32 24.43 2.02 39.72
N SER B 33 25.19 0.93 39.78
CA SER B 33 24.97 -0.06 40.82
C SER B 33 25.33 0.48 42.21
N THR B 34 26.26 1.42 42.27
CA THR B 34 26.76 1.93 43.54
C THR B 34 25.97 3.14 44.03
N GLU B 35 25.58 4.04 43.14
CA GLU B 35 25.00 5.32 43.55
C GLU B 35 23.48 5.33 43.55
N LEU B 36 22.83 4.59 42.66
CA LEU B 36 21.40 4.74 42.43
C LEU B 36 20.61 3.54 42.92
N ARG B 37 19.35 3.81 43.28
CA ARG B 37 18.36 2.80 43.61
C ARG B 37 17.04 3.24 43.01
N LEU B 38 16.28 2.29 42.47
CA LEU B 38 14.99 2.58 41.85
C LEU B 38 13.92 1.78 42.57
N LEU B 39 13.05 2.46 43.31
CA LEU B 39 11.94 1.82 44.01
C LEU B 39 10.69 1.90 43.15
N TYR B 40 9.99 0.77 43.02
CA TYR B 40 8.76 0.70 42.25
C TYR B 40 7.74 -0.14 42.99
N GLN B 41 6.47 0.27 42.93
CA GLN B 41 5.40 -0.43 43.59
C GLN B 41 4.09 -0.21 42.84
N LEU B 42 3.27 -1.25 42.80
CA LEU B 42 1.96 -1.17 42.17
C LEU B 42 1.00 -0.37 43.04
N VAL B 43 0.39 0.67 42.46
CA VAL B 43 -0.61 1.46 43.17
C VAL B 43 -1.90 0.65 43.28
N PHE B 44 -2.13 0.08 44.46
CA PHE B 44 -3.26 -0.81 44.69
C PHE B 44 -3.35 -1.07 46.18
N LEU B 45 -4.49 -1.61 46.62
CA LEU B 45 -4.66 -1.96 48.02
C LEU B 45 -3.66 -3.02 48.46
N LEU B 46 -3.63 -4.14 47.75
CA LEU B 46 -2.76 -5.26 48.08
C LEU B 46 -1.55 -5.20 47.12
N SER B 47 -0.41 -4.76 47.64
CA SER B 47 0.81 -4.70 46.85
C SER B 47 2.00 -4.53 47.77
N GLU B 48 3.18 -4.80 47.23
CA GLU B 48 4.43 -4.69 47.97
C GLU B 48 5.45 -3.92 47.15
N ALA B 49 6.27 -3.14 47.83
CA ALA B 49 7.27 -2.33 47.16
C ALA B 49 8.48 -3.17 46.79
N HIS B 50 9.12 -2.79 45.68
CA HIS B 50 10.28 -3.50 45.15
C HIS B 50 11.40 -2.50 44.88
N THR B 51 12.63 -2.99 44.97
CA THR B 51 13.82 -2.18 44.73
C THR B 51 14.62 -2.79 43.58
N CYS B 52 15.13 -1.92 42.71
CA CYS B 52 15.91 -2.33 41.56
C CYS B 52 17.30 -1.71 41.63
N ILE B 53 18.32 -2.50 41.32
CA ILE B 53 19.69 -2.02 41.24
C ILE B 53 19.99 -1.73 39.76
N PRO B 54 20.37 -0.51 39.42
CA PRO B 54 20.61 -0.19 38.01
C PRO B 54 21.95 -0.72 37.52
N GLU B 55 21.95 -1.07 36.23
CA GLU B 55 23.15 -1.48 35.51
C GLU B 55 23.60 -0.35 34.61
N ASN B 56 24.91 -0.17 34.48
CA ASN B 56 25.43 0.86 33.60
C ASN B 56 25.22 0.47 32.14
N ASN B 57 24.63 1.37 31.36
CA ASN B 57 24.52 1.22 29.91
C ASN B 57 25.11 2.49 29.30
N GLY B 58 26.44 2.50 29.16
CA GLY B 58 27.16 3.68 28.75
C GLY B 58 27.87 4.33 29.92
N GLY B 59 28.15 5.62 29.75
CA GLY B 59 28.82 6.37 30.81
C GLY B 59 27.84 6.89 31.85
N ALA B 60 26.85 7.66 31.40
CA ALA B 60 25.84 8.23 32.28
C ALA B 60 24.46 7.61 32.04
N GLY B 61 24.41 6.41 31.46
CA GLY B 61 23.14 5.77 31.18
C GLY B 61 22.91 4.55 32.03
N CYS B 62 21.85 4.55 32.82
CA CYS B 62 21.51 3.44 33.69
C CYS B 62 20.28 2.72 33.16
N VAL B 63 20.21 1.43 33.42
CA VAL B 63 19.10 0.58 33.02
C VAL B 63 18.71 -0.29 34.20
N CYS B 64 17.41 -0.49 34.40
CA CYS B 64 16.88 -1.24 35.52
C CYS B 64 15.85 -2.24 35.03
N HIS B 65 15.99 -3.50 35.46
CA HIS B 65 15.00 -4.53 35.15
C HIS B 65 14.00 -4.62 36.30
N LEU B 66 12.71 -4.53 35.96
CA LEU B 66 11.64 -4.55 36.93
C LEU B 66 10.93 -5.90 36.91
N LEU B 67 10.42 -6.29 38.07
CA LEU B 67 9.78 -7.59 38.25
C LEU B 67 8.29 -7.41 38.48
N MET B 68 7.48 -8.00 37.60
CA MET B 68 6.02 -7.92 37.64
C MET B 68 5.47 -9.34 37.72
N ASP B 69 4.85 -9.69 38.84
CA ASP B 69 4.24 -11.00 38.98
C ASP B 69 3.13 -11.20 37.95
N ASP B 70 2.30 -10.18 37.75
CA ASP B 70 1.21 -10.26 36.80
C ASP B 70 0.82 -8.84 36.42
N VAL B 71 0.46 -8.64 35.17
CA VAL B 71 0.15 -7.31 34.66
C VAL B 71 -1.23 -7.33 34.01
N VAL B 72 -2.09 -6.41 34.43
CA VAL B 72 -3.35 -6.14 33.77
C VAL B 72 -3.33 -4.67 33.31
N SER B 73 -4.29 -4.33 32.45
CA SER B 73 -4.26 -3.03 31.80
C SER B 73 -4.38 -1.88 32.79
N ALA B 74 -5.10 -2.07 33.89
CA ALA B 74 -5.32 -1.01 34.86
C ALA B 74 -4.13 -0.79 35.78
N ASP B 75 -3.16 -1.70 35.80
CA ASP B 75 -2.06 -1.62 36.75
C ASP B 75 -1.20 -0.39 36.49
N ASN B 76 -0.89 0.33 37.56
CA ASN B 76 -0.14 1.58 37.48
C ASN B 76 0.93 1.56 38.57
N TYR B 77 2.18 1.76 38.18
CA TYR B 77 3.31 1.64 39.09
C TYR B 77 3.93 3.01 39.38
N THR B 78 4.39 3.18 40.62
CA THR B 78 5.07 4.39 41.05
C THR B 78 6.57 4.14 41.07
N LEU B 79 7.32 4.95 40.32
CA LEU B 79 8.77 4.83 40.24
C LEU B 79 9.42 5.96 41.04
N ASP B 80 10.40 5.60 41.87
CA ASP B 80 11.14 6.56 42.68
C ASP B 80 12.63 6.30 42.49
N LEU B 81 13.33 7.27 41.90
CA LEU B 81 14.75 7.15 41.64
C LEU B 81 15.51 7.84 42.76
N TRP B 82 16.34 7.08 43.48
CA TRP B 82 17.02 7.56 44.67
C TRP B 82 18.53 7.47 44.48
N ALA B 83 19.23 8.56 44.81
CA ALA B 83 20.67 8.58 44.93
C ALA B 83 21.00 8.73 46.41
N GLY B 84 21.44 7.65 47.04
CA GLY B 84 21.69 7.66 48.46
C GLY B 84 20.42 7.89 49.24
N GLN B 85 20.32 9.03 49.90
CA GLN B 85 19.14 9.37 50.69
C GLN B 85 18.45 10.63 50.19
N GLN B 86 18.67 11.00 48.93
CA GLN B 86 18.09 12.19 48.34
C GLN B 86 17.37 11.82 47.05
N LEU B 87 16.09 12.16 46.96
CA LEU B 87 15.30 11.85 45.78
C LEU B 87 15.73 12.70 44.60
N LEU B 88 15.85 12.06 43.43
CA LEU B 88 16.21 12.75 42.19
C LEU B 88 15.05 12.86 41.21
N TRP B 89 14.21 11.84 41.11
CA TRP B 89 13.15 11.83 40.12
C TRP B 89 12.03 10.92 40.60
N LYS B 90 10.80 11.30 40.27
CA LYS B 90 9.62 10.54 40.63
C LYS B 90 8.66 10.53 39.44
N GLY B 91 8.01 9.38 39.21
CA GLY B 91 7.12 9.27 38.07
C GLY B 91 6.24 8.04 38.17
N SER B 92 5.38 7.89 37.16
CA SER B 92 4.42 6.81 37.05
C SER B 92 4.67 6.03 35.76
N PHE B 93 4.08 4.84 35.68
CA PHE B 93 4.30 3.94 34.54
C PHE B 93 3.15 2.96 34.48
N LYS B 94 2.37 3.03 33.40
CA LYS B 94 1.29 2.07 33.19
C LYS B 94 1.76 1.06 32.15
N PRO B 95 2.05 -0.19 32.54
CA PRO B 95 2.68 -1.13 31.60
C PRO B 95 1.86 -1.41 30.35
N SER B 96 0.52 -1.37 30.45
CA SER B 96 -0.31 -1.64 29.28
C SER B 96 -0.17 -0.58 28.21
N GLU B 97 0.36 0.59 28.55
CA GLU B 97 0.55 1.66 27.59
C GLU B 97 1.96 1.72 27.02
N HIS B 98 2.83 0.79 27.42
CA HIS B 98 4.22 0.76 26.97
C HIS B 98 4.66 -0.68 26.76
N VAL B 99 3.89 -1.44 26.00
CA VAL B 99 4.15 -2.87 25.84
C VAL B 99 5.17 -3.09 24.73
N LYS B 100 6.15 -3.96 25.00
CA LYS B 100 7.06 -4.45 23.97
C LYS B 100 7.05 -5.98 24.01
N PRO B 101 6.40 -6.63 23.04
CA PRO B 101 6.14 -8.07 23.15
C PRO B 101 7.42 -8.89 23.07
N ARG B 102 7.34 -10.10 23.62
CA ARG B 102 8.44 -11.05 23.51
C ARG B 102 8.54 -11.57 22.10
N ALA B 103 9.75 -11.93 21.70
CA ALA B 103 9.97 -12.36 20.33
C ALA B 103 9.44 -13.77 20.13
N PRO B 104 8.91 -14.09 18.95
CA PRO B 104 8.49 -15.47 18.67
C PRO B 104 9.68 -16.40 18.57
N GLY B 105 9.38 -17.68 18.48
CA GLY B 105 10.41 -18.69 18.42
C GLY B 105 9.88 -19.96 17.81
N ASN B 106 10.69 -21.01 17.91
CA ASN B 106 10.37 -22.31 17.31
C ASN B 106 10.06 -22.16 15.82
N LEU B 107 10.76 -21.23 15.17
CA LEU B 107 10.57 -20.98 13.75
C LEU B 107 11.11 -22.15 12.94
N THR B 108 10.24 -22.79 12.16
CA THR B 108 10.60 -23.97 11.39
C THR B 108 10.09 -23.85 9.96
N VAL B 109 10.80 -24.50 9.04
CA VAL B 109 10.47 -24.49 7.61
C VAL B 109 9.91 -25.85 7.22
N HIS B 110 8.73 -25.86 6.61
CA HIS B 110 8.06 -27.08 6.19
C HIS B 110 8.00 -27.10 4.67
N THR B 111 8.50 -28.16 4.07
CA THR B 111 8.39 -28.37 2.62
C THR B 111 7.37 -29.46 2.31
N ASN B 112 6.23 -29.42 2.99
CA ASN B 112 5.15 -30.37 2.75
C ASN B 112 4.57 -30.18 1.36
N VAL B 113 3.93 -29.03 1.13
CA VAL B 113 3.38 -28.71 -0.18
C VAL B 113 4.51 -28.46 -1.17
N SER B 114 4.34 -28.94 -2.40
CA SER B 114 5.28 -28.65 -3.47
C SER B 114 5.04 -27.29 -4.11
N ASP B 115 3.80 -26.78 -4.04
CA ASP B 115 3.46 -25.49 -4.62
C ASP B 115 3.75 -24.32 -3.69
N THR B 116 3.85 -24.55 -2.38
CA THR B 116 4.10 -23.48 -1.43
C THR B 116 5.16 -23.93 -0.42
N LEU B 117 5.69 -22.97 0.33
CA LEU B 117 6.66 -23.21 1.39
C LEU B 117 6.07 -22.70 2.70
N LEU B 118 5.90 -23.60 3.66
CA LEU B 118 5.24 -23.27 4.92
C LEU B 118 6.25 -22.86 5.97
N LEU B 119 6.02 -21.71 6.59
CA LEU B 119 6.79 -21.23 7.72
C LEU B 119 5.89 -21.16 8.95
N THR B 120 6.34 -21.72 10.06
CA THR B 120 5.58 -21.71 11.29
C THR B 120 6.47 -21.33 12.46
N TRP B 121 5.91 -20.60 13.41
CA TRP B 121 6.60 -20.19 14.61
C TRP B 121 5.65 -20.29 15.80
N SER B 122 6.20 -20.16 17.00
CA SER B 122 5.46 -20.32 18.24
C SER B 122 5.03 -18.96 18.76
N ASN B 123 3.76 -18.84 19.11
CA ASN B 123 3.25 -17.65 19.79
C ASN B 123 3.97 -17.52 21.13
N PRO B 124 4.67 -16.41 21.38
CA PRO B 124 5.53 -16.34 22.58
C PRO B 124 4.78 -16.30 23.90
N TYR B 125 3.48 -16.03 23.90
CA TYR B 125 2.78 -15.94 25.18
C TYR B 125 1.91 -17.16 25.42
N PRO B 126 1.77 -17.57 26.68
CA PRO B 126 0.84 -18.65 27.00
C PRO B 126 -0.59 -18.21 26.79
N PRO B 127 -1.52 -19.14 26.59
CA PRO B 127 -2.93 -18.76 26.42
C PRO B 127 -3.51 -18.00 27.60
N ASP B 128 -2.92 -18.12 28.79
CA ASP B 128 -3.39 -17.37 29.95
C ASP B 128 -3.10 -15.88 29.85
N ASN B 129 -2.29 -15.46 28.89
CA ASN B 129 -1.92 -14.06 28.76
C ASN B 129 -2.91 -13.32 27.89
N TYR B 130 -3.14 -12.04 28.21
CA TYR B 130 -4.09 -11.23 27.47
C TYR B 130 -3.64 -10.93 26.04
N LEU B 131 -2.33 -11.00 25.78
CA LEU B 131 -1.81 -10.70 24.45
C LEU B 131 -1.89 -11.86 23.49
N TYR B 132 -2.43 -13.00 23.91
CA TYR B 132 -2.37 -14.21 23.10
C TYR B 132 -3.11 -14.03 21.78
N ASN B 133 -4.35 -13.54 21.83
CA ASN B 133 -5.19 -13.39 20.65
C ASN B 133 -5.12 -11.99 20.06
N HIS B 134 -3.99 -11.31 20.19
CA HIS B 134 -3.82 -9.98 19.62
C HIS B 134 -2.49 -9.80 18.91
N LEU B 135 -1.66 -10.83 18.83
CA LEU B 135 -0.34 -10.72 18.23
C LEU B 135 -0.42 -10.97 16.74
N THR B 136 -0.09 -9.95 15.95
CA THR B 136 0.13 -10.08 14.52
C THR B 136 1.63 -9.96 14.25
N TYR B 137 2.12 -10.75 13.31
CA TYR B 137 3.56 -10.90 13.10
C TYR B 137 3.97 -10.31 11.75
N ALA B 138 5.28 -10.26 11.55
CA ALA B 138 5.86 -9.76 10.31
C ALA B 138 7.11 -10.60 10.00
N VAL B 139 7.02 -11.42 8.95
CA VAL B 139 8.09 -12.34 8.60
C VAL B 139 9.03 -11.66 7.63
N ASN B 140 10.34 -11.75 7.91
CA ASN B 140 11.37 -11.14 7.09
C ASN B 140 12.24 -12.23 6.47
N ILE B 141 12.23 -12.31 5.15
CA ILE B 141 13.01 -13.29 4.40
C ILE B 141 14.03 -12.54 3.57
N TRP B 142 15.25 -13.07 3.52
CA TRP B 142 16.27 -12.48 2.67
C TRP B 142 17.16 -13.57 2.10
N SER B 143 17.75 -13.28 0.95
CA SER B 143 18.61 -14.23 0.24
C SER B 143 20.05 -14.10 0.73
N GLU B 144 20.69 -15.25 0.94
CA GLU B 144 22.10 -15.27 1.31
C GLU B 144 22.99 -14.92 0.12
N ASN B 145 22.51 -15.16 -1.10
CA ASN B 145 23.29 -14.90 -2.30
C ASN B 145 23.04 -13.49 -2.85
N ASP B 146 21.78 -13.06 -2.90
CA ASP B 146 21.43 -11.75 -3.43
C ASP B 146 20.95 -10.86 -2.30
N PRO B 147 21.81 -9.98 -1.75
CA PRO B 147 21.35 -9.09 -0.67
C PRO B 147 20.20 -8.18 -1.06
N ALA B 148 20.00 -7.92 -2.36
CA ALA B 148 18.88 -7.10 -2.79
C ALA B 148 17.53 -7.76 -2.52
N ASP B 149 17.49 -9.09 -2.38
CA ASP B 149 16.25 -9.80 -2.08
C ASP B 149 16.03 -9.74 -0.58
N PHE B 150 15.20 -8.79 -0.14
CA PHE B 150 14.95 -8.55 1.28
C PHE B 150 13.46 -8.24 1.42
N ARG B 151 12.68 -9.23 1.81
CA ARG B 151 11.22 -9.13 1.84
C ARG B 151 10.72 -9.11 3.27
N ILE B 152 9.60 -8.41 3.46
CA ILE B 152 8.91 -8.38 4.76
C ILE B 152 7.43 -8.67 4.50
N TYR B 153 6.99 -9.87 4.86
CA TYR B 153 5.59 -10.25 4.77
C TYR B 153 4.86 -9.88 6.05
N ASN B 154 3.65 -9.35 5.90
CA ASN B 154 2.82 -8.93 7.02
C ASN B 154 1.74 -9.98 7.28
N VAL B 155 1.80 -10.63 8.42
CA VAL B 155 0.80 -11.61 8.83
C VAL B 155 -0.21 -10.90 9.72
N THR B 156 -1.45 -10.75 9.23
CA THR B 156 -2.48 -10.01 9.94
C THR B 156 -3.58 -10.89 10.48
N TYR B 157 -3.48 -12.21 10.34
CA TYR B 157 -4.44 -13.13 10.94
C TYR B 157 -3.88 -13.66 12.25
N LEU B 158 -4.73 -14.39 12.99
CA LEU B 158 -4.36 -14.78 14.35
C LEU B 158 -3.36 -15.93 14.38
N GLU B 159 -3.40 -16.83 13.41
CA GLU B 159 -2.52 -17.98 13.43
C GLU B 159 -1.07 -17.55 13.17
N PRO B 160 -0.09 -18.19 13.81
CA PRO B 160 1.34 -17.91 13.56
C PRO B 160 1.96 -18.80 12.47
N SER B 161 1.61 -18.53 11.22
CA SER B 161 2.13 -19.31 10.10
C SER B 161 2.14 -18.44 8.85
N LEU B 162 2.85 -18.92 7.83
CA LEU B 162 2.98 -18.18 6.59
C LEU B 162 3.19 -19.16 5.44
N ARG B 163 2.41 -18.98 4.38
CA ARG B 163 2.52 -19.80 3.17
C ARG B 163 2.91 -18.90 2.02
N ILE B 164 4.16 -19.02 1.57
CA ILE B 164 4.65 -18.24 0.44
C ILE B 164 4.66 -19.12 -0.80
N ALA B 165 4.36 -18.52 -1.95
CA ALA B 165 4.34 -19.25 -3.21
C ALA B 165 5.74 -19.71 -3.57
N ALA B 166 5.88 -21.00 -3.85
CA ALA B 166 7.20 -21.55 -4.17
C ALA B 166 7.80 -20.94 -5.43
N SER B 167 6.98 -20.33 -6.29
CA SER B 167 7.48 -19.66 -7.48
C SER B 167 8.14 -18.33 -7.17
N THR B 168 7.82 -17.70 -6.03
CA THR B 168 8.45 -16.44 -5.64
C THR B 168 9.80 -16.65 -4.95
N LEU B 169 10.23 -17.91 -4.80
CA LEU B 169 11.57 -18.22 -4.36
C LEU B 169 12.35 -18.79 -5.53
N LYS B 170 13.66 -18.58 -5.51
CA LYS B 170 14.51 -19.05 -6.58
C LYS B 170 15.13 -20.39 -6.20
N SER B 171 15.38 -21.21 -7.22
CA SER B 171 15.92 -22.54 -7.00
C SER B 171 17.44 -22.49 -6.92
N GLY B 172 17.99 -23.12 -5.89
CA GLY B 172 19.43 -23.28 -5.76
C GLY B 172 20.09 -22.31 -4.80
N ILE B 173 19.36 -21.34 -4.26
CA ILE B 173 19.91 -20.39 -3.32
C ILE B 173 19.24 -20.60 -1.96
N SER B 174 19.97 -20.22 -0.91
CA SER B 174 19.52 -20.45 0.46
C SER B 174 18.99 -19.14 1.04
N TYR B 175 17.83 -19.22 1.69
CA TYR B 175 17.17 -18.08 2.30
C TYR B 175 17.22 -18.19 3.82
N ARG B 176 17.05 -17.04 4.48
CA ARG B 176 16.95 -16.98 5.93
C ARG B 176 15.72 -16.19 6.31
N ALA B 177 15.08 -16.60 7.40
CA ALA B 177 13.83 -16.00 7.85
C ALA B 177 13.91 -15.66 9.33
N ARG B 178 13.22 -14.58 9.70
CA ARG B 178 13.04 -14.20 11.09
C ARG B 178 11.73 -13.45 11.18
N VAL B 179 11.14 -13.47 12.37
CA VAL B 179 9.79 -12.94 12.55
C VAL B 179 9.74 -12.13 13.85
N ARG B 180 9.10 -10.97 13.79
CA ARG B 180 8.81 -10.16 14.95
C ARG B 180 7.31 -9.99 15.09
N ALA B 181 6.87 -9.66 16.30
CA ALA B 181 5.47 -9.60 16.62
C ALA B 181 5.11 -8.26 17.22
N TRP B 182 3.84 -7.86 17.03
CA TRP B 182 3.30 -6.66 17.65
C TRP B 182 1.81 -6.86 17.85
N ALA B 183 1.24 -6.11 18.79
CA ALA B 183 -0.17 -6.22 19.15
C ALA B 183 -0.86 -4.89 18.84
N GLN B 184 -1.66 -4.87 17.77
CA GLN B 184 -2.38 -3.65 17.42
C GLN B 184 -3.37 -3.24 18.50
N CYS B 185 -3.98 -4.21 19.17
CA CYS B 185 -5.02 -3.89 20.16
C CYS B 185 -4.48 -2.98 21.26
N TYR B 186 -3.23 -3.18 21.65
CA TYR B 186 -2.60 -2.41 22.73
C TYR B 186 -1.67 -1.32 22.23
N ASN B 187 -1.58 -1.12 20.92
CA ASN B 187 -0.68 -0.14 20.32
C ASN B 187 0.73 -0.29 20.87
N THR B 188 1.34 -1.44 20.58
CA THR B 188 2.65 -1.78 21.09
C THR B 188 3.73 -1.43 20.07
N THR B 189 4.97 -1.45 20.53
CA THR B 189 6.11 -1.41 19.63
C THR B 189 6.32 -2.80 19.04
N TRP B 190 7.36 -2.95 18.24
CA TRP B 190 7.68 -4.25 17.67
C TRP B 190 8.53 -5.05 18.64
N SER B 191 8.37 -6.37 18.59
CA SER B 191 9.28 -7.24 19.31
C SER B 191 10.62 -7.28 18.60
N GLU B 192 11.65 -7.70 19.33
CA GLU B 192 12.92 -7.96 18.69
C GLU B 192 12.77 -9.10 17.68
N TRP B 193 13.63 -9.11 16.67
CA TRP B 193 13.60 -10.17 15.69
C TRP B 193 13.92 -11.51 16.35
N SER B 194 13.16 -12.53 16.01
CA SER B 194 13.45 -13.87 16.45
C SER B 194 14.79 -14.33 15.88
N PRO B 195 15.37 -15.38 16.42
CA PRO B 195 16.53 -15.99 15.76
C PRO B 195 16.14 -16.53 14.40
N SER B 196 17.14 -16.62 13.52
CA SER B 196 16.91 -16.93 12.12
C SER B 196 16.90 -18.44 11.88
N THR B 197 16.17 -18.83 10.82
CA THR B 197 16.19 -20.18 10.29
C THR B 197 16.75 -20.12 8.86
N LYS B 198 17.30 -21.23 8.40
CA LYS B 198 17.90 -21.29 7.07
C LYS B 198 17.39 -22.51 6.32
N TRP B 199 17.20 -22.35 5.02
CA TRP B 199 16.83 -23.47 4.16
C TRP B 199 17.39 -23.22 2.77
N HIS B 200 17.67 -24.30 2.05
CA HIS B 200 18.22 -24.25 0.70
C HIS B 200 17.33 -25.10 -0.20
N ASN B 201 16.35 -24.47 -0.82
CA ASN B 201 15.40 -25.21 -1.65
C ASN B 201 15.96 -25.45 -3.04
N SER B 202 15.53 -26.55 -3.66
CA SER B 202 15.99 -26.92 -5.00
C SER B 202 14.82 -27.14 -5.94
N GLN C 1 -35.30 -26.04 21.85
CA GLN C 1 -34.20 -25.80 20.94
C GLN C 1 -34.35 -24.46 20.22
N CYS C 2 -34.10 -23.37 20.94
CA CYS C 2 -34.24 -22.03 20.40
C CYS C 2 -32.92 -21.55 19.79
N PHE C 3 -33.03 -20.62 18.86
CA PHE C 3 -31.87 -20.01 18.22
C PHE C 3 -32.22 -18.60 17.75
N VAL C 4 -31.41 -17.62 18.14
CA VAL C 4 -31.56 -16.24 17.72
C VAL C 4 -30.77 -16.04 16.43
N PHE C 5 -31.33 -15.27 15.50
CA PHE C 5 -30.74 -15.10 14.17
C PHE C 5 -30.45 -13.62 13.91
N ASN C 6 -29.19 -13.23 14.12
CA ASN C 6 -28.68 -11.89 13.78
C ASN C 6 -29.47 -10.78 14.48
N VAL C 7 -29.93 -11.06 15.70
CA VAL C 7 -30.74 -10.11 16.47
C VAL C 7 -31.93 -9.67 15.63
N GLU C 8 -32.80 -10.62 15.28
CA GLU C 8 -33.95 -10.32 14.44
C GLU C 8 -35.17 -11.11 14.92
N TYR C 9 -35.04 -12.44 14.97
CA TYR C 9 -36.13 -13.30 15.42
C TYR C 9 -35.53 -14.56 16.02
N MET C 10 -36.42 -15.44 16.50
CA MET C 10 -36.02 -16.70 17.13
C MET C 10 -36.78 -17.86 16.49
N ASN C 11 -36.14 -19.01 16.45
CA ASN C 11 -36.72 -20.24 15.92
C ASN C 11 -36.51 -21.36 16.95
N CYS C 12 -37.59 -21.83 17.56
CA CYS C 12 -37.57 -22.93 18.51
C CYS C 12 -38.39 -24.08 17.95
N THR C 13 -37.87 -25.30 18.06
CA THR C 13 -38.53 -26.48 17.52
C THR C 13 -38.52 -27.61 18.54
N TRP C 14 -39.38 -28.60 18.30
CA TRP C 14 -39.47 -29.77 19.15
C TRP C 14 -39.68 -31.04 18.31
N LEU C 27 -45.95 -22.10 23.37
CA LEU C 27 -45.83 -22.08 24.83
C LEU C 27 -45.77 -20.63 25.31
N HIS C 28 -45.26 -20.44 26.53
CA HIS C 28 -45.23 -19.13 27.17
C HIS C 28 -43.86 -18.92 27.81
N TYR C 29 -43.47 -17.65 27.92
CA TYR C 29 -42.14 -17.28 28.39
C TYR C 29 -42.23 -16.09 29.32
N TRP C 30 -41.16 -15.88 30.09
CA TRP C 30 -41.06 -14.73 30.98
C TRP C 30 -39.58 -14.51 31.31
N TYR C 31 -39.26 -13.26 31.65
CA TYR C 31 -37.89 -12.88 31.98
C TYR C 31 -37.66 -13.08 33.47
N LYS C 32 -36.74 -13.98 33.81
CA LYS C 32 -36.48 -14.32 35.21
C LYS C 32 -35.72 -13.19 35.89
N ASN C 33 -36.24 -12.74 37.04
CA ASN C 33 -35.57 -11.78 37.92
C ASN C 33 -35.25 -10.48 37.19
N SER C 34 -36.25 -9.92 36.51
CA SER C 34 -36.11 -8.65 35.82
C SER C 34 -37.50 -8.07 35.56
N ASP C 35 -37.52 -6.91 34.92
CA ASP C 35 -38.78 -6.23 34.63
C ASP C 35 -39.60 -7.01 33.60
N ASN C 36 -40.89 -6.72 33.57
CA ASN C 36 -41.85 -7.36 32.67
C ASN C 36 -41.82 -8.88 32.86
N ASP C 37 -42.21 -9.30 34.06
CA ASP C 37 -42.22 -10.72 34.43
C ASP C 37 -43.63 -11.30 34.29
N LYS C 38 -44.17 -11.17 33.08
CA LYS C 38 -45.49 -11.70 32.74
C LYS C 38 -45.33 -12.76 31.65
N VAL C 39 -46.09 -13.84 31.78
CA VAL C 39 -46.06 -14.93 30.80
C VAL C 39 -46.83 -14.50 29.56
N GLN C 40 -46.21 -14.66 28.39
CA GLN C 40 -46.77 -14.20 27.14
C GLN C 40 -47.38 -15.37 26.37
N LYS C 41 -47.68 -15.15 25.10
CA LYS C 41 -48.26 -16.17 24.23
C LYS C 41 -47.50 -16.22 22.92
N CYS C 42 -47.32 -17.42 22.39
CA CYS C 42 -46.66 -17.60 21.10
C CYS C 42 -47.54 -16.99 20.02
N SER C 43 -47.21 -15.76 19.61
CA SER C 43 -48.05 -15.07 18.63
C SER C 43 -48.07 -15.79 17.29
N HIS C 44 -47.02 -16.52 16.96
CA HIS C 44 -46.90 -17.19 15.66
C HIS C 44 -46.37 -18.60 15.88
N TYR C 45 -47.28 -19.57 15.88
CA TYR C 45 -46.88 -20.98 15.96
C TYR C 45 -46.27 -21.44 14.64
N LEU C 46 -45.48 -22.50 14.73
CA LEU C 46 -44.83 -23.11 13.57
C LEU C 46 -45.36 -24.53 13.41
N PHE C 47 -45.67 -24.90 12.17
CA PHE C 47 -46.20 -26.23 11.87
C PHE C 47 -45.34 -26.96 10.85
N THR C 52 -47.75 -28.86 14.99
CA THR C 52 -47.11 -27.84 15.81
C THR C 52 -45.61 -28.10 15.94
N SER C 53 -44.83 -27.48 15.04
CA SER C 53 -43.38 -27.67 15.07
C SER C 53 -42.74 -26.89 16.22
N GLY C 54 -43.01 -25.59 16.30
CA GLY C 54 -42.43 -24.77 17.35
C GLY C 54 -42.98 -23.36 17.40
N CYS C 55 -42.16 -22.41 17.84
CA CYS C 55 -42.59 -21.02 18.01
C CYS C 55 -41.56 -20.08 17.43
N GLN C 56 -41.91 -18.78 17.42
CA GLN C 56 -41.09 -17.73 16.86
C GLN C 56 -41.45 -16.41 17.54
N LEU C 57 -40.42 -15.58 17.79
CA LEU C 57 -40.59 -14.30 18.46
C LEU C 57 -40.07 -13.18 17.58
N GLN C 58 -40.62 -11.98 17.79
CA GLN C 58 -40.22 -10.80 17.04
C GLN C 58 -38.98 -10.17 17.68
N LYS C 59 -38.45 -9.13 17.02
CA LYS C 59 -37.23 -8.49 17.50
C LYS C 59 -37.47 -7.73 18.80
N LYS C 60 -38.69 -7.26 19.04
CA LYS C 60 -39.00 -6.59 20.29
C LYS C 60 -39.17 -7.56 21.45
N GLU C 61 -39.54 -8.81 21.18
CA GLU C 61 -39.68 -9.84 22.21
C GLU C 61 -38.36 -10.52 22.56
N ILE C 62 -37.23 -9.90 22.21
CA ILE C 62 -35.90 -10.48 22.43
C ILE C 62 -35.08 -9.47 23.22
N HIS C 63 -34.76 -9.82 24.47
CA HIS C 63 -33.88 -9.02 25.33
C HIS C 63 -32.67 -9.88 25.67
N LEU C 64 -31.56 -9.65 24.97
CA LEU C 64 -30.33 -10.37 25.27
C LEU C 64 -29.84 -10.02 26.67
N TYR C 65 -29.02 -10.91 27.22
CA TYR C 65 -28.45 -10.75 28.56
C TYR C 65 -29.52 -10.69 29.64
N GLN C 66 -30.66 -11.31 29.36
CA GLN C 66 -31.74 -11.46 30.31
C GLN C 66 -32.04 -12.94 30.46
N THR C 67 -32.17 -13.39 31.71
CA THR C 67 -32.40 -14.81 31.97
C THR C 67 -33.71 -15.26 31.34
N PHE C 68 -33.64 -15.85 30.15
CA PHE C 68 -34.82 -16.20 29.37
C PHE C 68 -35.29 -17.60 29.75
N VAL C 69 -36.54 -17.71 30.19
CA VAL C 69 -37.11 -18.97 30.64
C VAL C 69 -38.41 -19.23 29.86
N VAL C 70 -38.59 -20.48 29.42
CA VAL C 70 -39.82 -20.88 28.75
C VAL C 70 -40.43 -22.10 29.43
N GLN C 84 -37.92 -24.80 30.85
CA GLN C 84 -36.64 -24.70 30.14
C GLN C 84 -36.08 -23.29 30.21
N MET C 85 -34.96 -23.12 30.91
CA MET C 85 -34.28 -21.84 31.03
C MET C 85 -32.98 -21.86 30.25
N LEU C 86 -32.61 -20.71 29.69
CA LEU C 86 -31.44 -20.62 28.83
C LEU C 86 -30.99 -19.17 28.73
N LYS C 87 -29.70 -19.00 28.41
CA LYS C 87 -29.13 -17.69 28.17
C LYS C 87 -29.18 -17.40 26.67
N LEU C 88 -29.50 -16.14 26.33
CA LEU C 88 -29.78 -15.84 24.93
C LEU C 88 -28.51 -15.52 24.15
N GLN C 89 -27.53 -14.88 24.78
CA GLN C 89 -26.34 -14.45 24.05
C GLN C 89 -25.41 -15.60 23.69
N ASN C 90 -25.70 -16.82 24.14
CA ASN C 90 -24.96 -18.00 23.72
C ASN C 90 -25.69 -18.80 22.65
N LEU C 91 -26.74 -18.23 22.06
CA LEU C 91 -27.57 -18.93 21.09
C LEU C 91 -27.78 -18.12 19.81
N VAL C 92 -26.97 -17.10 19.58
CA VAL C 92 -27.16 -16.21 18.43
C VAL C 92 -26.40 -16.78 17.24
N ILE C 93 -27.08 -16.87 16.09
CA ILE C 93 -26.46 -17.29 14.84
C ILE C 93 -26.67 -16.20 13.80
N PRO C 94 -25.62 -15.44 13.43
CA PRO C 94 -25.82 -14.30 12.51
C PRO C 94 -26.00 -14.72 11.06
N TRP C 95 -26.10 -13.75 10.16
CA TRP C 95 -26.20 -14.04 8.73
C TRP C 95 -24.81 -14.17 8.13
N ALA C 96 -24.74 -14.89 7.01
CA ALA C 96 -23.48 -15.03 6.30
C ALA C 96 -23.03 -13.67 5.79
N PRO C 97 -21.72 -13.39 5.76
CA PRO C 97 -21.25 -12.10 5.26
C PRO C 97 -21.63 -11.87 3.81
N GLU C 98 -21.66 -10.60 3.43
CA GLU C 98 -22.01 -10.18 2.07
C GLU C 98 -21.05 -9.10 1.60
N ASN C 99 -21.12 -8.79 0.31
CA ASN C 99 -20.29 -7.76 -0.32
C ASN C 99 -18.80 -8.07 -0.16
N LEU C 100 -18.40 -9.28 -0.55
CA LEU C 100 -17.01 -9.68 -0.48
C LEU C 100 -16.21 -9.01 -1.59
N THR C 101 -15.19 -8.26 -1.23
CA THR C 101 -14.33 -7.57 -2.18
C THR C 101 -12.91 -8.11 -2.09
N LEU C 102 -12.10 -7.73 -3.07
CA LEU C 102 -10.69 -8.13 -3.12
C LEU C 102 -9.91 -7.06 -3.86
N HIS C 103 -8.79 -6.63 -3.28
CA HIS C 103 -7.90 -5.71 -3.97
C HIS C 103 -6.52 -5.79 -3.32
N LYS C 104 -5.49 -5.69 -4.15
CA LYS C 104 -4.11 -5.84 -3.67
C LYS C 104 -3.73 -4.66 -2.79
N LEU C 105 -3.42 -4.95 -1.53
CA LEU C 105 -2.97 -3.91 -0.60
C LEU C 105 -1.54 -3.47 -0.89
N SER C 106 -0.76 -4.28 -1.60
CA SER C 106 0.62 -3.96 -1.92
C SER C 106 1.01 -4.73 -3.18
N GLU C 107 2.31 -4.83 -3.44
CA GLU C 107 2.78 -5.58 -4.61
C GLU C 107 2.57 -7.09 -4.42
N SER C 108 2.62 -7.57 -3.18
CA SER C 108 2.41 -8.97 -2.88
C SER C 108 1.18 -9.24 -2.02
N GLN C 109 0.69 -8.25 -1.27
CA GLN C 109 -0.44 -8.45 -0.39
C GLN C 109 -1.73 -8.63 -1.20
N LEU C 110 -2.77 -9.14 -0.52
CA LEU C 110 -4.08 -9.34 -1.14
C LEU C 110 -5.11 -9.40 -0.01
N GLU C 111 -5.81 -8.29 0.21
CA GLU C 111 -6.76 -8.19 1.32
C GLU C 111 -8.15 -8.60 0.87
N LEU C 112 -8.83 -9.34 1.73
CA LEU C 112 -10.22 -9.75 1.52
C LEU C 112 -11.12 -8.97 2.46
N ASN C 113 -12.17 -8.37 1.93
CA ASN C 113 -13.14 -7.62 2.71
C ASN C 113 -14.51 -8.28 2.63
N TRP C 114 -15.37 -7.90 3.57
CA TRP C 114 -16.73 -8.38 3.61
C TRP C 114 -17.53 -7.48 4.52
N ASN C 115 -18.85 -7.65 4.49
CA ASN C 115 -19.76 -6.89 5.33
C ASN C 115 -20.61 -7.85 6.16
N ASN C 116 -20.99 -7.42 7.36
CA ASN C 116 -21.83 -8.22 8.23
C ASN C 116 -23.10 -7.45 8.59
N ARG C 117 -24.17 -8.19 8.83
CA ARG C 117 -25.45 -7.57 9.15
C ARG C 117 -25.50 -7.10 10.61
N PHE C 118 -25.10 -7.96 11.53
CA PHE C 118 -25.13 -7.64 12.95
C PHE C 118 -24.01 -6.68 13.30
N LEU C 119 -23.84 -6.40 14.59
CA LEU C 119 -22.80 -5.49 15.05
C LEU C 119 -21.42 -6.06 14.74
N ASN C 120 -20.62 -5.31 13.99
CA ASN C 120 -19.31 -5.77 13.58
C ASN C 120 -18.35 -5.94 14.75
N HIS C 121 -18.64 -5.34 15.90
CA HIS C 121 -17.79 -5.44 17.08
C HIS C 121 -18.15 -6.62 17.96
N CYS C 122 -18.99 -7.54 17.47
CA CYS C 122 -19.38 -8.73 18.21
C CYS C 122 -19.04 -10.03 17.52
N LEU C 123 -18.50 -9.99 16.31
CA LEU C 123 -18.38 -11.17 15.47
C LEU C 123 -16.93 -11.63 15.37
N GLU C 124 -16.76 -12.95 15.34
CA GLU C 124 -15.47 -13.60 15.12
C GLU C 124 -15.57 -14.31 13.77
N HIS C 125 -14.80 -13.85 12.80
CA HIS C 125 -14.90 -14.36 11.45
C HIS C 125 -13.88 -15.47 11.20
N LEU C 126 -14.23 -16.39 10.30
CA LEU C 126 -13.36 -17.49 9.90
C LEU C 126 -13.23 -17.47 8.39
N VAL C 127 -12.04 -17.14 7.89
CA VAL C 127 -11.78 -17.08 6.46
C VAL C 127 -11.20 -18.41 6.01
N GLN C 128 -11.69 -18.90 4.87
CA GLN C 128 -11.27 -20.18 4.32
C GLN C 128 -11.04 -20.02 2.82
N TYR C 129 -9.91 -20.54 2.34
CA TYR C 129 -9.54 -20.40 0.95
C TYR C 129 -8.80 -21.65 0.50
N ARG C 130 -8.65 -21.76 -0.83
CA ARG C 130 -7.94 -22.87 -1.46
C ARG C 130 -7.74 -22.51 -2.93
N THR C 131 -6.88 -23.27 -3.59
CA THR C 131 -6.70 -23.17 -5.03
C THR C 131 -7.45 -24.30 -5.73
N ASP C 132 -7.58 -24.17 -7.05
CA ASP C 132 -8.26 -25.20 -7.83
C ASP C 132 -7.46 -26.49 -7.93
N TRP C 133 -6.18 -26.46 -7.58
CA TRP C 133 -5.38 -27.68 -7.46
C TRP C 133 -5.38 -28.26 -6.05
N ASP C 134 -5.79 -27.47 -5.05
CA ASP C 134 -5.86 -27.96 -3.68
C ASP C 134 -6.98 -28.98 -3.54
N HIS C 135 -6.73 -30.03 -2.76
CA HIS C 135 -7.72 -31.04 -2.49
C HIS C 135 -8.42 -30.83 -1.15
N SER C 136 -8.15 -29.72 -0.47
CA SER C 136 -8.73 -29.44 0.83
C SER C 136 -8.58 -27.95 1.13
N TRP C 137 -9.57 -27.41 1.83
CA TRP C 137 -9.56 -26.01 2.22
C TRP C 137 -8.58 -25.77 3.38
N THR C 138 -7.86 -24.65 3.32
CA THR C 138 -7.08 -24.17 4.44
C THR C 138 -7.73 -22.90 4.98
N GLU C 139 -7.76 -22.77 6.31
CA GLU C 139 -8.54 -21.73 6.94
C GLU C 139 -7.69 -20.99 7.98
N GLN C 140 -8.04 -19.72 8.18
CA GLN C 140 -7.41 -18.86 9.16
C GLN C 140 -8.49 -18.03 9.84
N SER C 141 -8.36 -17.82 11.15
CA SER C 141 -9.30 -17.02 11.91
C SER C 141 -8.90 -15.54 11.89
N VAL C 142 -9.90 -14.68 12.06
CA VAL C 142 -9.71 -13.23 12.03
C VAL C 142 -10.50 -12.61 13.16
N ASP C 143 -9.88 -11.63 13.84
CA ASP C 143 -10.54 -10.87 14.88
C ASP C 143 -11.54 -9.89 14.26
N TYR C 144 -12.31 -9.21 15.10
CA TYR C 144 -13.21 -8.18 14.59
C TYR C 144 -12.45 -6.91 14.20
N ARG C 145 -11.35 -6.60 14.88
CA ARG C 145 -10.56 -5.40 14.64
C ARG C 145 -9.51 -5.57 13.54
N HIS C 146 -9.26 -6.80 13.10
CA HIS C 146 -8.30 -7.07 12.05
C HIS C 146 -9.00 -7.39 10.73
N LYS C 147 -8.25 -7.28 9.65
CA LYS C 147 -8.74 -7.59 8.31
C LYS C 147 -7.84 -8.66 7.70
N PHE C 148 -8.45 -9.67 7.09
CA PHE C 148 -7.71 -10.77 6.51
C PHE C 148 -6.95 -10.31 5.26
N SER C 149 -5.78 -10.90 5.05
CA SER C 149 -4.97 -10.60 3.88
C SER C 149 -3.99 -11.73 3.65
N LEU C 150 -3.73 -12.05 2.37
CA LEU C 150 -2.74 -13.07 2.03
C LEU C 150 -1.40 -12.40 1.73
N PRO C 151 -0.35 -12.69 2.51
CA PRO C 151 0.93 -12.00 2.28
C PRO C 151 1.64 -12.44 1.01
N SER C 152 1.34 -13.62 0.49
CA SER C 152 2.00 -14.16 -0.69
C SER C 152 0.97 -14.91 -1.52
N VAL C 153 0.91 -14.61 -2.82
CA VAL C 153 -0.10 -15.16 -3.71
C VAL C 153 0.57 -15.57 -5.02
N ASP C 154 0.26 -16.78 -5.49
CA ASP C 154 0.76 -17.25 -6.78
C ASP C 154 -0.12 -16.69 -7.88
N GLY C 155 0.47 -15.87 -8.76
CA GLY C 155 -0.31 -15.16 -9.77
C GLY C 155 -0.83 -16.05 -10.87
N GLN C 156 -0.32 -17.27 -11.00
CA GLN C 156 -0.74 -18.20 -12.05
C GLN C 156 -1.61 -19.32 -11.48
N LYS C 157 -2.37 -19.02 -10.43
CA LYS C 157 -3.28 -19.98 -9.83
C LYS C 157 -4.62 -19.29 -9.56
N ARG C 158 -5.68 -20.09 -9.53
CA ARG C 158 -7.02 -19.59 -9.25
C ARG C 158 -7.32 -19.78 -7.77
N TYR C 159 -7.74 -18.70 -7.11
CA TYR C 159 -8.05 -18.71 -5.70
C TYR C 159 -9.56 -18.57 -5.49
N THR C 160 -10.04 -19.07 -4.36
CA THR C 160 -11.45 -19.00 -3.99
C THR C 160 -11.57 -18.77 -2.50
N PHE C 161 -12.33 -17.75 -2.10
CA PHE C 161 -12.47 -17.36 -0.70
C PHE C 161 -13.92 -17.45 -0.25
N ARG C 162 -14.10 -17.75 1.04
CA ARG C 162 -15.42 -17.74 1.67
C ARG C 162 -15.24 -17.52 3.16
N VAL C 163 -16.19 -16.80 3.76
CA VAL C 163 -16.10 -16.36 5.14
C VAL C 163 -17.41 -16.67 5.86
N ARG C 164 -17.31 -17.17 7.09
CA ARG C 164 -18.45 -17.31 7.98
C ARG C 164 -18.08 -16.74 9.34
N SER C 165 -19.09 -16.29 10.08
CA SER C 165 -18.89 -15.53 11.31
C SER C 165 -19.53 -16.22 12.50
N ARG C 166 -19.10 -15.81 13.70
CA ARG C 166 -19.62 -16.36 14.94
C ARG C 166 -19.73 -15.25 15.99
N PHE C 167 -20.83 -15.26 16.72
CA PHE C 167 -21.14 -14.29 17.76
C PHE C 167 -20.36 -14.69 19.01
N ASN C 168 -19.10 -14.26 19.08
CA ASN C 168 -18.17 -14.77 20.08
C ASN C 168 -16.92 -13.91 20.10
N PRO C 169 -16.23 -13.75 21.25
CA PRO C 169 -16.59 -14.17 22.60
C PRO C 169 -16.83 -12.99 23.55
N LEU C 170 -16.81 -11.77 23.02
CA LEU C 170 -16.98 -10.58 23.84
C LEU C 170 -18.43 -10.20 24.07
N CYS C 171 -19.32 -10.57 23.15
CA CYS C 171 -20.75 -10.32 23.34
C CYS C 171 -21.53 -11.57 23.68
N GLY C 172 -20.93 -12.75 23.58
CA GLY C 172 -21.64 -13.97 23.91
C GLY C 172 -20.69 -15.14 23.77
N SER C 173 -21.21 -16.33 24.07
CA SER C 173 -20.40 -17.54 23.98
C SER C 173 -21.06 -18.55 23.04
N ALA C 174 -21.47 -18.11 21.86
CA ALA C 174 -22.07 -19.02 20.90
C ALA C 174 -21.01 -19.93 20.28
N GLN C 175 -21.37 -21.18 20.04
CA GLN C 175 -20.48 -22.15 19.44
C GLN C 175 -20.82 -22.48 17.99
N HIS C 176 -21.94 -21.97 17.47
CA HIS C 176 -22.37 -22.24 16.10
C HIS C 176 -22.04 -21.06 15.21
N TRP C 177 -21.44 -21.35 14.07
CA TRP C 177 -21.13 -20.34 13.07
C TRP C 177 -22.34 -20.04 12.21
N SER C 178 -22.21 -19.03 11.36
CA SER C 178 -23.21 -18.77 10.34
C SER C 178 -22.90 -19.60 9.10
N GLU C 179 -23.76 -19.48 8.09
CA GLU C 179 -23.50 -20.19 6.84
C GLU C 179 -22.33 -19.56 6.10
N TRP C 180 -21.75 -20.33 5.18
CA TRP C 180 -20.67 -19.82 4.35
C TRP C 180 -21.21 -18.78 3.38
N SER C 181 -20.50 -17.66 3.26
CA SER C 181 -20.90 -16.63 2.32
C SER C 181 -20.71 -17.12 0.89
N HIS C 182 -21.25 -16.35 -0.05
CA HIS C 182 -21.09 -16.69 -1.46
C HIS C 182 -19.63 -16.56 -1.86
N PRO C 183 -19.01 -17.59 -2.41
CA PRO C 183 -17.57 -17.55 -2.67
C PRO C 183 -17.18 -16.47 -3.68
N ILE C 184 -15.94 -16.00 -3.56
CA ILE C 184 -15.35 -15.03 -4.47
C ILE C 184 -14.08 -15.64 -5.04
N HIS C 185 -13.68 -15.16 -6.23
CA HIS C 185 -12.57 -15.75 -6.95
C HIS C 185 -11.56 -14.68 -7.33
N TRP C 186 -10.35 -15.14 -7.67
CA TRP C 186 -9.24 -14.26 -8.02
C TRP C 186 -8.23 -15.03 -8.83
N GLY C 187 -7.62 -14.34 -9.80
CA GLY C 187 -6.50 -14.89 -10.55
C GLY C 187 -6.92 -15.58 -11.83
N SER C 188 -5.91 -16.02 -12.57
CA SER C 188 -6.08 -16.71 -13.84
C SER C 188 -5.43 -18.10 -13.75
N ASN C 189 -5.40 -18.79 -14.89
CA ASN C 189 -4.86 -20.15 -14.99
C ASN C 189 -5.52 -21.10 -13.99
N GLN D 1 2.77 8.90 -1.35
CA GLN D 1 3.18 8.20 -2.56
C GLN D 1 4.56 8.67 -3.01
N VAL D 2 5.30 7.77 -3.66
CA VAL D 2 6.67 8.06 -4.09
C VAL D 2 6.67 9.01 -5.27
N GLN D 3 7.64 9.91 -5.29
CA GLN D 3 7.82 10.87 -6.38
C GLN D 3 9.31 11.05 -6.63
N LEU D 4 9.72 10.98 -7.89
CA LEU D 4 11.13 11.06 -8.27
C LEU D 4 11.33 12.26 -9.17
N GLN D 5 12.20 13.17 -8.75
CA GLN D 5 12.54 14.36 -9.51
C GLN D 5 14.00 14.28 -9.92
N GLN D 6 14.26 14.43 -11.22
CA GLN D 6 15.61 14.37 -11.75
C GLN D 6 16.13 15.78 -12.03
N SER D 7 17.45 15.87 -12.20
CA SER D 7 18.09 17.12 -12.56
C SER D 7 17.78 17.48 -14.01
N GLY D 8 18.16 18.69 -14.40
CA GLY D 8 17.80 19.23 -15.69
C GLY D 8 18.57 18.62 -16.84
N PRO D 9 17.97 18.62 -18.03
CA PRO D 9 18.69 18.19 -19.22
C PRO D 9 19.75 19.21 -19.61
N GLY D 10 20.73 18.75 -20.38
CA GLY D 10 21.79 19.64 -20.75
C GLY D 10 22.76 18.99 -21.71
N LEU D 11 23.85 19.72 -21.94
CA LEU D 11 24.89 19.37 -22.89
C LEU D 11 26.11 18.86 -22.14
N VAL D 12 26.85 17.95 -22.77
CA VAL D 12 28.10 17.44 -22.20
C VAL D 12 29.10 17.31 -23.34
N LYS D 13 30.26 17.95 -23.19
CA LYS D 13 31.28 17.87 -24.22
C LYS D 13 31.86 16.45 -24.25
N PRO D 14 32.29 15.98 -25.42
CA PRO D 14 32.82 14.61 -25.49
C PRO D 14 34.02 14.43 -24.59
N SER D 15 34.16 13.21 -24.07
CA SER D 15 35.23 12.80 -23.16
C SER D 15 35.14 13.51 -21.80
N GLN D 16 34.10 14.31 -21.56
CA GLN D 16 33.85 14.92 -20.27
C GLN D 16 33.04 13.95 -19.42
N THR D 17 32.41 14.44 -18.36
CA THR D 17 31.67 13.59 -17.42
C THR D 17 30.20 14.00 -17.38
N LEU D 18 29.33 13.01 -17.53
CA LEU D 18 27.90 13.20 -17.38
C LEU D 18 27.53 12.96 -15.92
N SER D 19 26.78 13.88 -15.33
CA SER D 19 26.33 13.69 -13.96
C SER D 19 24.87 14.10 -13.86
N LEU D 20 24.07 13.23 -13.25
CA LEU D 20 22.65 13.46 -13.03
C LEU D 20 22.30 13.10 -11.61
N THR D 21 21.25 13.71 -11.08
CA THR D 21 20.78 13.43 -9.74
C THR D 21 19.30 13.14 -9.75
N CYS D 22 18.84 12.46 -8.70
CA CYS D 22 17.46 12.02 -8.56
C CYS D 22 17.00 12.31 -7.15
N ALA D 23 16.01 13.19 -7.00
CA ALA D 23 15.49 13.58 -5.69
C ALA D 23 14.30 12.70 -5.34
N ILE D 24 14.36 12.03 -4.19
CA ILE D 24 13.36 11.04 -3.79
C ILE D 24 12.41 11.67 -2.78
N SER D 25 11.11 11.52 -3.02
CA SER D 25 10.07 11.97 -2.11
C SER D 25 9.13 10.80 -1.82
N GLY D 26 8.76 10.64 -0.55
CA GLY D 26 7.88 9.57 -0.16
C GLY D 26 8.56 8.23 0.08
N ASP D 27 9.88 8.18 0.00
CA ASP D 27 10.63 6.97 0.35
C ASP D 27 12.04 7.39 0.75
N SER D 28 12.79 6.43 1.29
CA SER D 28 14.16 6.65 1.72
C SER D 28 15.14 5.95 0.79
N VAL D 29 16.22 6.66 0.45
CA VAL D 29 17.25 6.05 -0.38
C VAL D 29 17.88 4.86 0.32
N SER D 30 17.92 4.90 1.65
CA SER D 30 18.50 3.83 2.46
C SER D 30 17.48 2.77 2.83
N SER D 31 16.33 2.74 2.17
CA SER D 31 15.35 1.69 2.39
C SER D 31 15.91 0.33 2.01
N ASN D 32 15.74 -0.64 2.91
CA ASN D 32 16.26 -1.98 2.70
C ASN D 32 15.29 -2.90 1.98
N ILE D 33 14.11 -2.38 1.58
CA ILE D 33 13.17 -3.17 0.79
C ILE D 33 13.21 -2.78 -0.68
N ALA D 34 13.94 -1.73 -1.05
CA ALA D 34 13.98 -1.22 -2.41
C ALA D 34 15.42 -1.10 -2.90
N THR D 35 15.56 -0.91 -4.22
CA THR D 35 16.84 -0.60 -4.86
C THR D 35 16.62 0.56 -5.82
N TRP D 36 17.65 1.39 -5.96
CA TRP D 36 17.56 2.63 -6.72
C TRP D 36 18.45 2.54 -7.95
N ASN D 37 17.84 2.63 -9.13
CA ASN D 37 18.47 2.27 -10.39
C ASN D 37 18.56 3.49 -11.31
N TRP D 38 19.39 3.35 -12.34
CA TRP D 38 19.46 4.30 -13.45
C TRP D 38 19.34 3.53 -14.75
N ILE D 39 18.43 3.99 -15.63
CA ILE D 39 18.20 3.37 -16.93
C ILE D 39 18.28 4.45 -17.99
N ARG D 40 18.88 4.12 -19.12
CA ARG D 40 18.91 5.04 -20.25
C ARG D 40 18.23 4.40 -21.46
N GLN D 41 17.75 5.25 -22.36
CA GLN D 41 17.01 4.82 -23.53
C GLN D 41 17.47 5.61 -24.73
N SER D 42 17.68 4.93 -25.86
CA SER D 42 18.06 5.57 -27.11
C SER D 42 17.89 4.56 -28.23
N PRO D 43 17.79 5.03 -29.49
CA PRO D 43 17.63 4.08 -30.60
C PRO D 43 18.79 3.11 -30.75
N SER D 44 20.03 3.60 -30.65
CA SER D 44 21.20 2.73 -30.82
C SER D 44 21.42 1.79 -29.64
N ARG D 45 20.75 2.00 -28.52
CA ARG D 45 20.94 1.17 -27.34
C ARG D 45 19.68 0.44 -26.90
N GLY D 46 18.49 0.98 -27.19
CA GLY D 46 17.27 0.43 -26.62
C GLY D 46 17.08 0.90 -25.19
N LEU D 47 16.36 0.09 -24.41
CA LEU D 47 16.22 0.32 -22.97
C LEU D 47 17.37 -0.40 -22.28
N GLU D 48 18.37 0.35 -21.87
CA GLU D 48 19.61 -0.19 -21.34
C GLU D 48 19.69 0.11 -19.85
N TRP D 49 19.90 -0.92 -19.05
CA TRP D 49 20.07 -0.77 -17.61
C TRP D 49 21.52 -0.44 -17.30
N LEU D 50 21.72 0.63 -16.53
CA LEU D 50 23.07 1.12 -16.22
C LEU D 50 23.60 0.54 -14.90
N GLY D 51 22.84 0.66 -13.83
CA GLY D 51 23.28 0.14 -12.56
C GLY D 51 22.31 0.52 -11.46
N ARG D 52 22.72 0.20 -10.23
CA ARG D 52 21.87 0.44 -9.07
C ARG D 52 22.72 0.60 -7.83
N THR D 53 22.14 1.25 -6.83
CA THR D 53 22.69 1.35 -5.49
C THR D 53 21.58 1.06 -4.50
N TYR D 54 21.90 0.33 -3.43
CA TYR D 54 20.90 -0.02 -2.44
C TYR D 54 21.56 -0.31 -1.11
N TYR D 55 20.81 -0.12 -0.04
CA TYR D 55 21.31 -0.29 1.32
C TYR D 55 20.57 -1.43 2.00
N ARG D 56 21.32 -2.32 2.63
CA ARG D 56 20.74 -3.43 3.37
C ARG D 56 21.29 -3.42 4.79
N SER D 57 22.50 -3.94 4.99
CA SER D 57 23.26 -3.69 6.20
C SER D 57 24.48 -2.83 5.92
N LYS D 58 24.61 -2.32 4.70
CA LYS D 58 25.72 -1.55 4.17
C LYS D 58 25.36 -1.28 2.71
N TRP D 59 26.08 -0.34 2.11
CA TRP D 59 25.75 0.04 0.74
C TRP D 59 26.27 -0.98 -0.26
N TYR D 60 25.47 -1.26 -1.28
CA TYR D 60 25.80 -2.18 -2.35
C TYR D 60 25.70 -1.45 -3.69
N ASN D 61 26.53 -1.88 -4.66
CA ASN D 61 26.56 -1.30 -5.98
C ASN D 61 26.64 -2.41 -7.02
N ASP D 62 25.90 -2.24 -8.12
CA ASP D 62 25.89 -3.19 -9.22
C ASP D 62 25.80 -2.42 -10.53
N TYR D 63 26.65 -2.77 -11.49
CA TYR D 63 26.72 -2.06 -12.76
C TYR D 63 26.60 -3.03 -13.92
N ALA D 64 26.29 -2.48 -15.09
CA ALA D 64 26.27 -3.25 -16.33
C ALA D 64 27.65 -3.25 -16.97
N VAL D 65 27.97 -4.35 -17.66
CA VAL D 65 29.29 -4.51 -18.25
C VAL D 65 29.56 -3.40 -19.27
N SER D 66 28.53 -2.97 -19.99
CA SER D 66 28.72 -1.97 -21.04
C SER D 66 29.20 -0.62 -20.49
N VAL D 67 28.94 -0.32 -19.22
CA VAL D 67 29.32 0.96 -18.64
C VAL D 67 30.12 0.83 -17.35
N ARG D 68 30.45 -0.39 -16.93
CA ARG D 68 31.09 -0.57 -15.62
C ARG D 68 32.43 0.16 -15.53
N SER D 69 33.14 0.31 -16.64
CA SER D 69 34.44 0.96 -16.59
C SER D 69 34.36 2.48 -16.50
N ARG D 70 33.16 3.06 -16.59
CA ARG D 70 33.03 4.50 -16.62
C ARG D 70 31.95 5.03 -15.68
N ILE D 71 31.32 4.18 -14.88
CA ILE D 71 30.09 4.53 -14.19
C ILE D 71 30.34 4.57 -12.69
N SER D 72 29.52 5.37 -12.01
CA SER D 72 29.57 5.47 -10.55
C SER D 72 28.23 6.00 -10.08
N ILE D 73 27.56 5.25 -9.23
CA ILE D 73 26.26 5.63 -8.68
C ILE D 73 26.40 5.73 -7.17
N SER D 74 26.01 6.88 -6.61
CA SER D 74 26.26 7.15 -5.20
C SER D 74 24.99 7.62 -4.50
N PRO D 75 24.77 7.19 -3.26
CA PRO D 75 23.64 7.67 -2.49
C PRO D 75 23.98 8.93 -1.70
N ASP D 76 22.92 9.69 -1.39
CA ASP D 76 23.04 10.95 -0.64
C ASP D 76 21.96 10.91 0.44
N THR D 77 22.31 10.42 1.62
CA THR D 77 21.32 10.25 2.68
C THR D 77 21.02 11.53 3.44
N SER D 78 21.72 12.64 3.15
CA SER D 78 21.37 13.90 3.79
C SER D 78 20.32 14.66 2.98
N LYS D 79 20.40 14.64 1.66
CA LYS D 79 19.38 15.24 0.81
C LYS D 79 18.41 14.21 0.26
N ASN D 80 18.53 12.95 0.66
CA ASN D 80 17.68 11.86 0.18
C ASN D 80 17.69 11.80 -1.34
N GLN D 81 18.88 11.63 -1.89
CA GLN D 81 19.07 11.59 -3.33
C GLN D 81 20.04 10.47 -3.68
N PHE D 82 20.21 10.27 -4.98
CA PHE D 82 21.27 9.44 -5.51
C PHE D 82 21.58 9.92 -6.92
N SER D 83 22.83 9.76 -7.33
CA SER D 83 23.33 10.39 -8.54
C SER D 83 24.03 9.37 -9.43
N LEU D 84 24.08 9.68 -10.73
CA LEU D 84 24.77 8.87 -11.72
C LEU D 84 25.91 9.67 -12.32
N GLN D 85 27.03 9.01 -12.60
CA GLN D 85 28.17 9.67 -13.23
C GLN D 85 28.79 8.75 -14.27
N LEU D 86 28.91 9.26 -15.50
CA LEU D 86 29.59 8.58 -16.59
C LEU D 86 30.70 9.50 -17.10
N ASN D 87 31.92 9.01 -17.12
CA ASN D 87 33.03 9.79 -17.65
C ASN D 87 33.45 9.23 -19.01
N SER D 88 34.27 10.01 -19.71
CA SER D 88 34.77 9.65 -21.03
C SER D 88 33.61 9.35 -21.98
N VAL D 89 32.65 10.27 -22.03
CA VAL D 89 31.43 10.04 -22.80
C VAL D 89 31.72 10.22 -24.28
N THR D 90 31.08 9.39 -25.10
CA THR D 90 31.04 9.51 -26.55
C THR D 90 29.65 9.94 -26.97
N PRO D 91 29.47 10.33 -28.24
CA PRO D 91 28.11 10.58 -28.74
C PRO D 91 27.18 9.38 -28.56
N GLU D 92 27.71 8.16 -28.45
CA GLU D 92 26.86 7.01 -28.20
C GLU D 92 26.17 7.08 -26.84
N ASP D 93 26.71 7.86 -25.91
CA ASP D 93 26.11 8.05 -24.59
C ASP D 93 24.94 9.04 -24.59
N THR D 94 24.58 9.58 -25.76
CA THR D 94 23.44 10.49 -25.85
C THR D 94 22.15 9.67 -25.77
N ALA D 95 21.32 9.96 -24.78
CA ALA D 95 20.10 9.19 -24.54
C ALA D 95 19.24 9.93 -23.51
N ILE D 96 18.10 9.33 -23.19
CA ILE D 96 17.22 9.77 -22.11
C ILE D 96 17.52 8.90 -20.90
N TYR D 97 17.82 9.53 -19.77
CA TYR D 97 18.22 8.82 -18.56
C TYR D 97 17.10 8.89 -17.53
N TYR D 98 16.70 7.73 -17.00
CA TYR D 98 15.70 7.65 -15.95
C TYR D 98 16.35 7.16 -14.67
N CYS D 99 15.91 7.70 -13.54
CA CYS D 99 16.07 6.99 -12.29
C CYS D 99 14.77 6.25 -11.98
N ALA D 100 14.87 5.16 -11.23
CA ALA D 100 13.71 4.35 -10.96
C ALA D 100 13.89 3.59 -9.65
N ARG D 101 12.78 3.39 -8.94
CA ARG D 101 12.75 2.58 -7.74
C ARG D 101 12.33 1.17 -8.13
N PHE D 102 13.27 0.24 -8.13
CA PHE D 102 12.95 -1.17 -8.36
C PHE D 102 12.71 -1.86 -7.02
N SER D 103 11.72 -2.75 -7.00
CA SER D 103 11.51 -3.56 -5.82
C SER D 103 12.66 -4.55 -5.66
N GLY D 104 13.14 -4.69 -4.43
CA GLY D 104 14.37 -5.42 -4.20
C GLY D 104 14.30 -6.88 -4.60
N TRP D 105 13.23 -7.58 -4.17
CA TRP D 105 13.25 -9.02 -4.28
C TRP D 105 12.81 -9.52 -5.65
N LEU D 106 11.93 -8.79 -6.34
CA LEU D 106 11.48 -9.21 -7.66
C LEU D 106 11.96 -8.27 -8.77
N GLY D 107 12.94 -7.42 -8.49
CA GLY D 107 13.67 -6.66 -9.48
C GLY D 107 12.85 -5.97 -10.56
N THR D 108 11.84 -5.19 -10.14
CA THR D 108 10.91 -4.59 -11.07
C THR D 108 10.68 -3.13 -10.71
N GLY D 109 10.69 -2.27 -11.72
CA GLY D 109 10.58 -0.84 -11.51
C GLY D 109 9.19 -0.34 -11.18
N ASP D 110 8.91 -0.17 -9.89
CA ASP D 110 7.60 0.34 -9.46
C ASP D 110 7.40 1.78 -9.92
N CYS D 111 8.37 2.65 -9.64
CA CYS D 111 8.23 4.09 -9.84
C CYS D 111 9.44 4.60 -10.63
N TRP D 112 9.16 5.38 -11.67
CA TRP D 112 10.19 5.91 -12.55
C TRP D 112 10.20 7.44 -12.50
N GLY D 113 11.37 8.00 -12.81
CA GLY D 113 11.48 9.44 -12.98
C GLY D 113 11.05 9.89 -14.36
N GLN D 114 10.79 11.19 -14.51
CA GLN D 114 10.24 11.69 -15.77
C GLN D 114 11.19 11.45 -16.93
N GLY D 115 12.49 11.52 -16.69
CA GLY D 115 13.48 11.28 -17.72
C GLY D 115 14.24 12.57 -18.03
N THR D 116 15.54 12.42 -18.31
CA THR D 116 16.41 13.55 -18.62
C THR D 116 17.17 13.24 -19.90
N LEU D 117 17.11 14.15 -20.86
CA LEU D 117 17.81 13.98 -22.13
C LEU D 117 19.17 14.66 -22.05
N VAL D 118 20.22 13.87 -22.12
CA VAL D 118 21.59 14.37 -22.12
C VAL D 118 22.17 14.22 -23.51
N THR D 119 22.69 15.32 -24.06
CA THR D 119 23.28 15.33 -25.39
C THR D 119 24.79 15.47 -25.27
N VAL D 120 25.52 14.66 -26.04
CA VAL D 120 26.97 14.70 -26.08
C VAL D 120 27.38 15.34 -27.40
N SER D 121 27.88 16.57 -27.33
CA SER D 121 28.25 17.30 -28.54
C SER D 121 29.29 18.36 -28.22
N SER D 122 30.17 18.61 -29.19
CA SER D 122 31.11 19.72 -29.07
C SER D 122 30.41 21.07 -29.25
N ALA D 123 29.24 21.09 -29.88
CA ALA D 123 28.52 22.34 -30.12
C ALA D 123 28.15 23.02 -28.82
N SER D 124 27.77 24.28 -28.92
CA SER D 124 27.41 25.09 -27.76
C SER D 124 25.91 25.39 -27.74
N THR D 125 25.43 25.80 -26.57
CA THR D 125 24.00 25.99 -26.36
C THR D 125 23.50 27.24 -27.08
N LYS D 126 22.30 27.13 -27.66
CA LYS D 126 21.64 28.27 -28.27
C LYS D 126 20.18 28.29 -27.84
N GLY D 127 19.72 29.43 -27.33
CA GLY D 127 18.35 29.59 -26.95
C GLY D 127 17.43 29.66 -28.15
N PRO D 128 16.14 29.44 -27.95
CA PRO D 128 15.20 29.40 -29.08
C PRO D 128 14.66 30.76 -29.46
N SER D 129 13.81 30.79 -30.49
CA SER D 129 13.07 31.97 -30.89
C SER D 129 11.59 31.58 -31.00
N VAL D 130 10.72 32.35 -30.34
CA VAL D 130 9.30 31.99 -30.22
C VAL D 130 8.50 32.97 -31.05
N PHE D 131 7.89 32.47 -32.14
CA PHE D 131 7.08 33.30 -33.02
C PHE D 131 5.62 32.86 -32.99
N PRO D 132 4.67 33.81 -32.97
CA PRO D 132 3.25 33.43 -32.93
C PRO D 132 2.72 32.88 -34.24
N LEU D 133 1.49 32.39 -34.23
CA LEU D 133 0.81 31.91 -35.43
C LEU D 133 -0.54 32.59 -35.56
N ALA D 134 -0.78 33.20 -36.73
CA ALA D 134 -2.00 33.96 -36.95
C ALA D 134 -3.22 33.06 -36.93
N PRO D 135 -4.21 33.33 -36.07
CA PRO D 135 -5.33 32.39 -35.91
C PRO D 135 -6.28 32.26 -37.09
N SER D 136 -6.76 33.37 -37.67
CA SER D 136 -8.01 33.34 -38.41
C SER D 136 -7.94 33.59 -39.91
N SER D 137 -6.81 34.04 -40.45
CA SER D 137 -6.81 34.53 -41.83
C SER D 137 -7.19 33.42 -42.81
N LYS D 138 -6.42 32.33 -42.84
CA LYS D 138 -6.71 31.17 -43.69
C LYS D 138 -6.78 29.92 -42.82
N SER D 139 -7.71 29.94 -41.87
CA SER D 139 -7.83 28.92 -40.85
C SER D 139 -9.26 28.94 -40.30
N THR D 140 -9.41 28.74 -38.98
CA THR D 140 -10.71 28.83 -38.32
C THR D 140 -11.74 27.90 -38.99
N SER D 141 -11.32 26.66 -39.26
CA SER D 141 -12.19 25.72 -39.95
C SER D 141 -13.42 25.38 -39.09
N GLY D 142 -14.60 25.71 -39.60
CA GLY D 142 -15.84 25.49 -38.87
C GLY D 142 -16.03 26.44 -37.71
N GLY D 143 -16.20 25.89 -36.50
CA GLY D 143 -16.39 26.69 -35.32
C GLY D 143 -15.16 26.73 -34.42
N THR D 144 -14.17 25.92 -34.74
CA THR D 144 -12.93 25.84 -33.96
C THR D 144 -11.82 26.59 -34.67
N ALA D 145 -11.15 27.47 -33.93
CA ALA D 145 -9.97 28.19 -34.42
C ALA D 145 -8.71 27.48 -33.96
N ALA D 146 -7.67 27.54 -34.80
CA ALA D 146 -6.41 26.86 -34.53
C ALA D 146 -5.27 27.87 -34.58
N LEU D 147 -4.57 28.02 -33.46
CA LEU D 147 -3.42 28.90 -33.34
C LEU D 147 -2.27 28.13 -32.69
N GLY D 148 -1.12 28.78 -32.56
CA GLY D 148 0.01 28.12 -31.93
C GLY D 148 1.23 29.01 -31.89
N CYS D 149 2.37 28.37 -31.62
CA CYS D 149 3.66 29.02 -31.50
C CYS D 149 4.71 28.22 -32.26
N LEU D 150 5.76 28.92 -32.70
CA LEU D 150 6.84 28.32 -33.49
C LEU D 150 8.15 28.53 -32.74
N VAL D 151 8.59 27.48 -32.03
CA VAL D 151 9.87 27.51 -31.32
C VAL D 151 10.96 27.12 -32.32
N LYS D 152 11.78 28.09 -32.72
CA LYS D 152 12.71 27.89 -33.81
C LYS D 152 14.16 28.13 -33.35
N ASP D 153 15.07 27.36 -33.96
CA ASP D 153 16.51 27.53 -33.83
C ASP D 153 16.98 27.47 -32.39
N TYR D 154 17.10 26.28 -31.84
CA TYR D 154 17.61 26.07 -30.50
C TYR D 154 18.51 24.85 -30.50
N PHE D 155 19.27 24.69 -29.41
CA PHE D 155 20.15 23.56 -29.25
C PHE D 155 20.66 23.51 -27.81
N PRO D 156 20.64 22.34 -27.16
CA PRO D 156 20.09 21.11 -27.74
C PRO D 156 18.64 20.91 -27.34
N GLU D 157 18.10 19.72 -27.59
CA GLU D 157 16.78 19.39 -27.07
C GLU D 157 16.85 19.19 -25.56
N PRO D 158 15.72 19.29 -24.85
CA PRO D 158 14.35 19.53 -25.30
C PRO D 158 13.83 20.93 -25.03
N VAL D 159 12.58 21.16 -25.44
CA VAL D 159 11.83 22.37 -25.15
C VAL D 159 10.50 21.96 -24.52
N THR D 160 10.11 22.66 -23.47
CA THR D 160 8.84 22.43 -22.78
C THR D 160 7.87 23.54 -23.17
N VAL D 161 6.88 23.20 -23.97
CA VAL D 161 5.86 24.15 -24.41
C VAL D 161 4.57 23.82 -23.69
N SER D 162 4.02 24.78 -22.95
CA SER D 162 2.72 24.65 -22.30
C SER D 162 1.88 25.87 -22.65
N TRP D 163 0.57 25.77 -22.42
CA TRP D 163 -0.37 26.81 -22.79
C TRP D 163 -1.14 27.29 -21.56
N ASN D 164 -1.21 28.60 -21.39
CA ASN D 164 -1.94 29.23 -20.29
C ASN D 164 -1.49 28.67 -18.94
N SER D 165 -0.15 28.61 -18.76
CA SER D 165 0.46 28.11 -17.53
C SER D 165 0.01 26.68 -17.23
N GLY D 166 -0.25 25.89 -18.28
CA GLY D 166 -0.68 24.52 -18.12
C GLY D 166 -2.17 24.31 -17.94
N ALA D 167 -2.98 25.36 -18.06
CA ALA D 167 -4.42 25.24 -17.90
C ALA D 167 -5.12 24.78 -19.17
N LEU D 168 -4.49 24.96 -20.33
CA LEU D 168 -5.07 24.57 -21.61
C LEU D 168 -4.37 23.29 -22.07
N THR D 169 -5.13 22.20 -22.14
CA THR D 169 -4.57 20.91 -22.51
C THR D 169 -5.34 20.27 -23.67
N SER D 170 -6.64 20.56 -23.76
CA SER D 170 -7.47 19.97 -24.81
C SER D 170 -7.09 20.53 -26.17
N GLY D 171 -6.99 19.65 -27.16
CA GLY D 171 -6.72 20.07 -28.52
C GLY D 171 -5.32 20.56 -28.79
N VAL D 172 -4.39 20.39 -27.86
CA VAL D 172 -3.01 20.83 -28.00
C VAL D 172 -2.21 19.75 -28.72
N HIS D 173 -1.35 20.17 -29.64
CA HIS D 173 -0.48 19.25 -30.39
C HIS D 173 0.91 19.88 -30.45
N THR D 174 1.84 19.34 -29.67
CA THR D 174 3.24 19.75 -29.72
C THR D 174 3.99 18.79 -30.63
N PHE D 175 4.53 19.31 -31.71
CA PHE D 175 5.15 18.48 -32.73
C PHE D 175 6.58 18.11 -32.34
N PRO D 176 7.04 16.91 -32.72
CA PRO D 176 8.45 16.56 -32.48
C PRO D 176 9.38 17.53 -33.17
N ALA D 177 10.57 17.70 -32.58
CA ALA D 177 11.52 18.65 -33.12
C ALA D 177 12.08 18.16 -34.44
N VAL D 178 12.46 19.11 -35.29
CA VAL D 178 13.04 18.84 -36.60
C VAL D 178 14.47 19.35 -36.60
N LEU D 179 15.40 18.50 -37.02
CA LEU D 179 16.81 18.87 -37.09
C LEU D 179 17.05 19.61 -38.40
N GLN D 180 17.20 20.93 -38.32
CA GLN D 180 17.32 21.73 -39.52
C GLN D 180 18.71 21.55 -40.15
N SER D 181 18.86 22.12 -41.35
CA SER D 181 20.13 22.04 -42.06
C SER D 181 21.25 22.75 -41.32
N SER D 182 20.93 23.90 -40.70
CA SER D 182 21.93 24.66 -39.95
C SER D 182 22.46 23.90 -38.73
N GLY D 183 21.83 22.80 -38.33
CA GLY D 183 22.23 22.05 -37.16
C GLY D 183 21.36 22.27 -35.94
N LEU D 184 20.53 23.31 -35.94
CA LEU D 184 19.66 23.61 -34.82
C LEU D 184 18.32 22.89 -34.96
N TYR D 185 17.63 22.75 -33.84
CA TYR D 185 16.30 22.14 -33.80
C TYR D 185 15.22 23.19 -33.89
N SER D 186 14.01 22.74 -34.23
CA SER D 186 12.86 23.62 -34.30
C SER D 186 11.59 22.78 -34.27
N LEU D 187 10.59 23.25 -33.54
CA LEU D 187 9.32 22.54 -33.41
C LEU D 187 8.18 23.56 -33.41
N SER D 188 6.96 23.04 -33.48
CA SER D 188 5.74 23.84 -33.46
C SER D 188 4.79 23.27 -32.42
N SER D 189 3.92 24.13 -31.91
CA SER D 189 2.91 23.70 -30.93
C SER D 189 1.60 24.41 -31.26
N VAL D 190 0.69 23.71 -31.91
CA VAL D 190 -0.60 24.26 -32.30
C VAL D 190 -1.65 23.81 -31.28
N VAL D 191 -2.78 24.52 -31.27
CA VAL D 191 -3.87 24.22 -30.35
C VAL D 191 -5.18 24.72 -30.94
N THR D 192 -6.18 23.85 -30.97
CA THR D 192 -7.50 24.19 -31.49
C THR D 192 -8.41 24.67 -30.37
N VAL D 193 -9.06 25.81 -30.59
CA VAL D 193 -9.93 26.44 -29.60
C VAL D 193 -11.20 26.90 -30.29
N PRO D 194 -12.27 27.11 -29.53
CA PRO D 194 -13.48 27.70 -30.12
C PRO D 194 -13.21 29.09 -30.68
N SER D 195 -13.77 29.35 -31.87
CA SER D 195 -13.56 30.63 -32.54
C SER D 195 -14.26 31.77 -31.82
N SER D 196 -15.27 31.47 -31.00
CA SER D 196 -16.00 32.51 -30.29
C SER D 196 -15.22 33.11 -29.14
N SER D 197 -14.07 32.54 -28.78
CA SER D 197 -13.25 33.06 -27.70
C SER D 197 -11.93 33.64 -28.18
N LEU D 198 -11.80 33.91 -29.48
CA LEU D 198 -10.55 34.47 -29.99
C LEU D 198 -10.29 35.85 -29.42
N GLY D 199 -11.27 36.74 -29.49
CA GLY D 199 -11.10 38.07 -28.92
C GLY D 199 -11.18 38.09 -27.41
N THR D 200 -11.92 37.15 -26.82
CA THR D 200 -12.09 37.12 -25.37
C THR D 200 -10.93 36.39 -24.69
N GLN D 201 -10.85 35.08 -24.86
CA GLN D 201 -9.86 34.28 -24.17
C GLN D 201 -8.46 34.59 -24.71
N THR D 202 -7.57 35.01 -23.83
CA THR D 202 -6.18 35.24 -24.18
C THR D 202 -5.40 33.93 -24.08
N TYR D 203 -4.48 33.73 -25.02
CA TYR D 203 -3.75 32.47 -25.15
C TYR D 203 -2.25 32.74 -25.11
N ILE D 204 -1.57 32.12 -24.14
CA ILE D 204 -0.13 32.26 -23.95
C ILE D 204 0.51 30.89 -24.07
N CYS D 205 1.56 30.79 -24.88
CA CYS D 205 2.37 29.58 -24.93
C CYS D 205 3.61 29.79 -24.08
N ASN D 206 3.86 28.85 -23.16
CA ASN D 206 4.91 28.99 -22.17
C ASN D 206 6.10 28.13 -22.60
N VAL D 207 6.95 28.72 -23.44
CA VAL D 207 8.14 28.05 -23.93
C VAL D 207 9.22 28.10 -22.85
N ASN D 208 9.87 26.96 -22.62
CA ASN D 208 10.90 26.86 -21.59
C ASN D 208 12.01 25.96 -22.11
N HIS D 209 13.21 26.52 -22.25
CA HIS D 209 14.38 25.81 -22.74
C HIS D 209 15.41 25.79 -21.61
N LYS D 210 15.42 24.70 -20.85
CA LYS D 210 16.25 24.57 -19.67
C LYS D 210 17.76 24.55 -19.97
N PRO D 211 18.22 23.89 -21.04
CA PRO D 211 19.67 23.91 -21.35
C PRO D 211 20.26 25.31 -21.53
N SER D 212 19.44 26.34 -21.71
CA SER D 212 19.93 27.72 -21.79
C SER D 212 19.27 28.63 -20.78
N ASN D 213 18.47 28.10 -19.85
CA ASN D 213 17.73 28.89 -18.86
C ASN D 213 16.83 29.91 -19.55
N THR D 214 16.20 29.48 -20.64
CA THR D 214 15.30 30.33 -21.41
C THR D 214 13.86 30.01 -21.04
N LYS D 215 13.08 31.05 -20.76
CA LYS D 215 11.66 30.90 -20.43
C LYS D 215 10.93 32.07 -21.09
N VAL D 216 10.30 31.80 -22.24
CA VAL D 216 9.54 32.77 -23.01
C VAL D 216 8.05 32.47 -22.84
N ASP D 217 7.23 33.52 -22.95
CA ASP D 217 5.77 33.42 -22.83
C ASP D 217 5.14 34.37 -23.86
N LYS D 218 5.10 33.92 -25.10
CA LYS D 218 4.57 34.74 -26.19
C LYS D 218 3.05 34.70 -26.22
N LYS D 219 2.44 35.86 -26.37
CA LYS D 219 0.99 35.98 -26.51
C LYS D 219 0.61 35.88 -27.98
N VAL D 220 -0.52 35.22 -28.23
CA VAL D 220 -1.01 35.01 -29.59
C VAL D 220 -2.34 35.73 -29.72
N CYS D 221 -2.32 36.89 -30.38
CA CYS D 221 -3.52 37.66 -30.66
C CYS D 221 -3.96 37.43 -32.11
N SER D 222 -5.24 37.68 -32.36
CA SER D 222 -5.81 37.41 -33.68
C SER D 222 -5.23 38.35 -34.72
N ARG D 223 -4.69 37.78 -35.79
CA ARG D 223 -4.10 38.57 -36.88
C ARG D 223 -4.18 37.82 -38.21
N ASP E 1 24.82 -13.92 -18.85
CA ASP E 1 23.86 -12.82 -18.90
C ASP E 1 22.56 -13.23 -19.56
N ILE E 2 21.45 -13.08 -18.83
CA ILE E 2 20.13 -13.43 -19.35
C ILE E 2 19.78 -12.43 -20.45
N GLN E 3 19.69 -12.92 -21.69
CA GLN E 3 19.26 -12.09 -22.80
C GLN E 3 17.79 -12.31 -23.08
N VAL E 4 17.12 -11.28 -23.60
CA VAL E 4 15.68 -11.29 -23.82
C VAL E 4 15.40 -10.74 -25.21
N THR E 5 14.56 -11.44 -25.96
CA THR E 5 14.17 -11.03 -27.31
C THR E 5 12.65 -10.96 -27.39
N GLN E 6 12.14 -9.82 -27.83
CA GLN E 6 10.72 -9.52 -27.84
C GLN E 6 10.24 -9.42 -29.28
N SER E 7 8.99 -9.80 -29.51
CA SER E 7 8.43 -9.85 -30.85
C SER E 7 6.94 -9.60 -30.77
N PRO E 8 6.35 -8.88 -31.74
CA PRO E 8 6.98 -8.30 -32.92
C PRO E 8 7.48 -6.86 -32.73
N SER E 9 8.14 -6.30 -33.74
CA SER E 9 8.59 -4.92 -33.66
C SER E 9 7.41 -3.96 -33.54
N SER E 10 6.40 -4.13 -34.38
CA SER E 10 5.23 -3.27 -34.35
C SER E 10 4.03 -4.06 -34.83
N LEU E 11 2.84 -3.55 -34.53
CA LEU E 11 1.60 -4.17 -34.97
C LEU E 11 0.48 -3.16 -34.87
N SER E 12 -0.48 -3.27 -35.79
CA SER E 12 -1.65 -2.40 -35.79
C SER E 12 -2.90 -3.25 -35.61
N ALA E 13 -3.74 -2.84 -34.66
CA ALA E 13 -4.96 -3.55 -34.32
C ALA E 13 -6.05 -2.53 -34.01
N SER E 14 -7.29 -2.93 -34.26
CA SER E 14 -8.42 -2.02 -34.07
C SER E 14 -8.86 -2.00 -32.62
N VAL E 15 -9.71 -1.02 -32.30
CA VAL E 15 -10.24 -0.90 -30.95
C VAL E 15 -11.16 -2.08 -30.66
N GLY E 16 -10.87 -2.81 -29.59
CA GLY E 16 -11.61 -4.00 -29.23
C GLY E 16 -10.91 -5.30 -29.56
N ASP E 17 -9.85 -5.25 -30.37
CA ASP E 17 -9.13 -6.46 -30.75
C ASP E 17 -8.32 -7.01 -29.59
N ARG E 18 -7.80 -8.22 -29.78
CA ARG E 18 -7.00 -8.93 -28.78
C ARG E 18 -5.54 -8.94 -29.24
N VAL E 19 -4.73 -8.09 -28.62
CA VAL E 19 -3.33 -7.92 -28.97
C VAL E 19 -2.48 -8.84 -28.10
N THR E 20 -1.49 -9.49 -28.72
CA THR E 20 -0.60 -10.42 -28.04
C THR E 20 0.84 -10.08 -28.38
N ILE E 21 1.67 -9.90 -27.35
CA ILE E 21 3.09 -9.63 -27.50
C ILE E 21 3.85 -10.74 -26.78
N THR E 22 4.93 -11.23 -27.40
CA THR E 22 5.70 -12.34 -26.86
C THR E 22 7.10 -11.88 -26.46
N CYS E 23 7.74 -12.70 -25.63
CA CYS E 23 9.06 -12.39 -25.09
C CYS E 23 9.74 -13.71 -24.76
N ARG E 24 10.90 -13.97 -25.38
CA ARG E 24 11.63 -15.21 -25.19
C ARG E 24 12.95 -14.92 -24.48
N ALA E 25 13.21 -15.64 -23.40
CA ALA E 25 14.42 -15.44 -22.62
C ALA E 25 15.53 -16.39 -23.05
N SER E 26 16.77 -16.01 -22.73
CA SER E 26 17.93 -16.80 -23.10
C SER E 26 18.00 -18.10 -22.31
N GLN E 27 17.51 -18.09 -21.07
CA GLN E 27 17.55 -19.27 -20.20
C GLN E 27 16.23 -19.35 -19.45
N GLY E 28 16.06 -20.45 -18.72
CA GLY E 28 14.88 -20.61 -17.88
C GLY E 28 14.91 -19.62 -16.75
N ILE E 29 13.86 -18.81 -16.63
CA ILE E 29 13.81 -17.78 -15.60
C ILE E 29 12.53 -17.93 -14.81
N SER E 30 11.96 -19.13 -14.82
CA SER E 30 10.71 -19.42 -14.11
C SER E 30 9.65 -18.40 -14.49
N THR E 31 9.20 -17.61 -13.52
CA THR E 31 8.16 -16.60 -13.73
C THR E 31 8.63 -15.20 -13.37
N TRP E 32 9.93 -14.93 -13.55
CA TRP E 32 10.51 -13.64 -13.23
C TRP E 32 10.60 -12.80 -14.50
N LEU E 33 9.44 -12.29 -14.93
CA LEU E 33 9.34 -11.52 -16.16
C LEU E 33 8.38 -10.37 -15.91
N ALA E 34 8.74 -9.17 -16.35
CA ALA E 34 7.90 -8.00 -16.18
C ALA E 34 7.61 -7.36 -17.52
N TRP E 35 6.50 -6.61 -17.57
CA TRP E 35 6.05 -5.95 -18.78
C TRP E 35 5.82 -4.47 -18.48
N TYR E 36 6.31 -3.60 -19.37
CA TYR E 36 6.18 -2.16 -19.21
C TYR E 36 5.44 -1.56 -20.39
N GLN E 37 4.86 -0.39 -20.15
CA GLN E 37 4.19 0.39 -21.18
C GLN E 37 4.81 1.77 -21.20
N GLN E 38 5.21 2.22 -22.39
CA GLN E 38 5.76 3.56 -22.55
C GLN E 38 4.90 4.33 -23.52
N ARG E 39 4.02 5.18 -22.99
CA ARG E 39 3.29 6.10 -23.83
C ARG E 39 4.23 7.20 -24.31
N PRO E 40 3.91 7.83 -25.44
CA PRO E 40 4.85 8.81 -26.01
C PRO E 40 5.15 9.95 -25.05
N GLY E 41 6.43 10.28 -24.93
CA GLY E 41 6.86 11.38 -24.10
C GLY E 41 6.83 11.12 -22.61
N LYS E 42 6.58 9.89 -22.19
CA LYS E 42 6.48 9.55 -20.79
C LYS E 42 7.40 8.39 -20.47
N ALA E 43 7.80 8.30 -19.21
CA ALA E 43 8.66 7.22 -18.76
C ALA E 43 7.89 5.91 -18.80
N PRO E 44 8.60 4.78 -18.86
CA PRO E 44 7.92 3.47 -18.82
C PRO E 44 7.11 3.30 -17.54
N LYS E 45 6.00 2.58 -17.66
CA LYS E 45 5.11 2.31 -16.54
C LYS E 45 4.97 0.80 -16.40
N LEU E 46 5.10 0.33 -15.17
CA LEU E 46 4.98 -1.10 -14.93
C LEU E 46 3.54 -1.55 -15.09
N LEU E 47 3.35 -2.62 -15.87
CA LEU E 47 2.03 -3.22 -16.06
C LEU E 47 1.91 -4.55 -15.33
N ILE E 48 2.84 -5.47 -15.59
CA ILE E 48 2.77 -6.82 -15.08
C ILE E 48 4.13 -7.18 -14.48
N TYR E 49 4.10 -7.78 -13.30
CA TYR E 49 5.30 -8.30 -12.66
C TYR E 49 5.05 -9.77 -12.31
N ALA E 50 6.15 -10.50 -12.10
CA ALA E 50 6.10 -11.93 -11.83
C ALA E 50 5.27 -12.66 -12.89
N ALA E 51 5.47 -12.25 -14.15
CA ALA E 51 4.90 -12.87 -15.34
C ALA E 51 3.40 -12.62 -15.49
N SER E 52 2.64 -12.72 -14.41
CA SER E 52 1.18 -12.73 -14.52
C SER E 52 0.44 -11.76 -13.61
N SER E 53 1.10 -11.09 -12.68
CA SER E 53 0.43 -10.27 -11.70
C SER E 53 0.34 -8.82 -12.17
N LEU E 54 -0.89 -8.28 -12.14
CA LEU E 54 -1.13 -6.89 -12.53
C LEU E 54 -0.72 -5.93 -11.42
N GLU E 55 0.03 -4.91 -11.79
CA GLU E 55 0.29 -3.82 -10.86
C GLU E 55 -1.02 -3.09 -10.55
N THR E 56 -1.11 -2.55 -9.34
CA THR E 56 -2.33 -1.85 -8.96
C THR E 56 -2.60 -0.68 -9.89
N GLY E 57 -3.88 -0.38 -10.09
CA GLY E 57 -4.27 0.69 -10.98
C GLY E 57 -4.17 0.38 -12.45
N VAL E 58 -3.83 -0.84 -12.83
CA VAL E 58 -3.73 -1.25 -14.23
C VAL E 58 -5.03 -1.95 -14.60
N PRO E 59 -5.69 -1.54 -15.69
CA PRO E 59 -7.01 -2.13 -16.01
C PRO E 59 -6.95 -3.63 -16.19
N SER E 60 -8.06 -4.29 -15.88
CA SER E 60 -8.17 -5.74 -15.87
C SER E 60 -8.03 -6.38 -17.25
N ARG E 61 -7.97 -5.61 -18.33
CA ARG E 61 -7.85 -6.19 -19.66
C ARG E 61 -6.41 -6.50 -20.04
N PHE E 62 -5.47 -6.36 -19.11
CA PHE E 62 -4.07 -6.70 -19.34
C PHE E 62 -3.75 -8.04 -18.69
N SER E 63 -3.16 -8.94 -19.48
CA SER E 63 -2.90 -10.31 -19.05
C SER E 63 -1.45 -10.67 -19.32
N GLY E 64 -0.86 -11.40 -18.40
CA GLY E 64 0.48 -11.94 -18.60
C GLY E 64 0.50 -13.41 -18.27
N SER E 65 1.18 -14.18 -19.12
CA SER E 65 1.23 -15.62 -18.93
C SER E 65 2.59 -16.13 -19.37
N GLY E 66 2.83 -17.40 -19.07
CA GLY E 66 4.09 -18.02 -19.42
C GLY E 66 4.94 -18.32 -18.20
N SER E 67 5.81 -19.30 -18.36
CA SER E 67 6.74 -19.68 -17.32
C SER E 67 7.88 -20.44 -17.97
N GLY E 68 9.10 -20.13 -17.57
CA GLY E 68 10.25 -20.76 -18.16
C GLY E 68 11.02 -19.83 -19.07
N THR E 69 10.82 -19.95 -20.38
CA THR E 69 11.51 -19.07 -21.33
C THR E 69 10.57 -18.31 -22.25
N ASP E 70 9.33 -18.77 -22.43
CA ASP E 70 8.37 -18.14 -23.34
C ASP E 70 7.26 -17.50 -22.54
N PHE E 71 7.10 -16.19 -22.69
CA PHE E 71 6.12 -15.39 -21.97
C PHE E 71 5.26 -14.61 -22.95
N THR E 72 4.15 -14.08 -22.46
CA THR E 72 3.15 -13.44 -23.32
C THR E 72 2.40 -12.36 -22.57
N LEU E 73 2.28 -11.20 -23.20
CA LEU E 73 1.42 -10.11 -22.74
C LEU E 73 0.22 -10.01 -23.67
N THR E 74 -0.98 -9.92 -23.09
CA THR E 74 -2.22 -9.95 -23.87
C THR E 74 -3.12 -8.80 -23.46
N ILE E 75 -3.54 -8.01 -24.43
CA ILE E 75 -4.50 -6.93 -24.22
C ILE E 75 -5.80 -7.35 -24.90
N SER E 76 -6.83 -7.64 -24.12
CA SER E 76 -8.15 -7.85 -24.68
C SER E 76 -8.90 -6.52 -24.72
N SER E 77 -9.73 -6.35 -25.74
CA SER E 77 -10.44 -5.10 -26.00
C SER E 77 -9.49 -3.91 -25.96
N LEU E 78 -8.68 -3.84 -27.02
CA LEU E 78 -7.72 -2.75 -27.19
C LEU E 78 -8.44 -1.41 -27.21
N GLN E 79 -7.83 -0.43 -26.56
CA GLN E 79 -8.39 0.90 -26.38
C GLN E 79 -7.46 1.96 -26.96
N PRO E 80 -8.00 3.11 -27.36
CA PRO E 80 -7.13 4.14 -27.97
C PRO E 80 -5.99 4.59 -27.08
N GLU E 81 -6.17 4.60 -25.76
CA GLU E 81 -5.10 5.00 -24.86
C GLU E 81 -4.03 3.92 -24.68
N ASP E 82 -4.28 2.70 -25.14
CA ASP E 82 -3.27 1.66 -25.05
C ASP E 82 -2.18 1.80 -26.10
N PHE E 83 -2.25 2.85 -26.92
CA PHE E 83 -1.19 3.14 -27.88
C PHE E 83 0.09 3.50 -27.14
N ALA E 84 1.11 2.67 -27.28
CA ALA E 84 2.39 2.89 -26.63
C ALA E 84 3.36 1.84 -27.16
N THR E 85 4.56 1.82 -26.59
CA THR E 85 5.55 0.78 -26.88
C THR E 85 5.72 -0.06 -25.62
N TYR E 86 5.69 -1.37 -25.79
CA TYR E 86 5.69 -2.31 -24.66
C TYR E 86 7.02 -3.05 -24.62
N TYR E 87 7.63 -3.05 -23.44
CA TYR E 87 8.91 -3.69 -23.20
C TYR E 87 8.74 -4.81 -22.19
N CYS E 88 9.41 -5.93 -22.42
CA CYS E 88 9.54 -6.92 -21.38
C CYS E 88 10.92 -6.82 -20.74
N GLN E 89 11.04 -7.41 -19.56
CA GLN E 89 12.31 -7.39 -18.84
C GLN E 89 12.40 -8.63 -17.97
N GLN E 90 13.51 -9.36 -18.07
CA GLN E 90 13.75 -10.43 -17.13
C GLN E 90 14.14 -9.85 -15.78
N SER E 91 13.55 -10.39 -14.73
CA SER E 91 13.82 -9.95 -13.36
C SER E 91 14.59 -11.00 -12.57
N TYR E 92 15.19 -11.97 -13.27
CA TYR E 92 15.83 -13.09 -12.58
C TYR E 92 17.17 -12.70 -11.98
N SER E 93 18.05 -12.11 -12.78
CA SER E 93 19.36 -11.71 -12.28
C SER E 93 19.83 -10.45 -12.99
N THR E 94 20.69 -9.73 -12.31
CA THR E 94 21.34 -8.57 -12.89
C THR E 94 22.44 -9.03 -13.86
N PRO E 95 22.67 -8.27 -14.95
CA PRO E 95 22.00 -7.01 -15.27
C PRO E 95 20.61 -7.23 -15.85
N TRP E 96 19.68 -6.33 -15.52
CA TRP E 96 18.36 -6.39 -16.12
C TRP E 96 18.47 -6.14 -17.61
N THR E 97 17.86 -7.01 -18.41
CA THR E 97 17.86 -6.87 -19.85
C THR E 97 16.42 -6.71 -20.32
N PHE E 98 16.20 -5.77 -21.22
CA PHE E 98 14.88 -5.44 -21.74
C PHE E 98 14.71 -5.97 -23.16
N GLY E 99 13.47 -6.18 -23.54
CA GLY E 99 13.16 -6.48 -24.92
C GLY E 99 13.36 -5.27 -25.81
N GLN E 100 13.37 -5.53 -27.12
CA GLN E 100 13.60 -4.47 -28.09
C GLN E 100 12.43 -3.50 -28.19
N GLY E 101 11.26 -3.87 -27.66
CA GLY E 101 10.09 -3.04 -27.72
C GLY E 101 9.08 -3.56 -28.74
N THR E 102 7.84 -3.10 -28.60
CA THR E 102 6.77 -3.45 -29.54
C THR E 102 5.84 -2.25 -29.66
N LYS E 103 5.84 -1.59 -30.81
CA LYS E 103 5.00 -0.43 -31.03
C LYS E 103 3.59 -0.88 -31.37
N VAL E 104 2.66 -0.70 -30.44
CA VAL E 104 1.26 -1.06 -30.65
C VAL E 104 0.56 0.17 -31.23
N GLU E 105 0.19 0.09 -32.50
CA GLU E 105 -0.52 1.16 -33.18
C GLU E 105 -2.00 0.82 -33.29
N ILE E 106 -2.86 1.81 -33.12
CA ILE E 106 -4.30 1.61 -33.17
C ILE E 106 -4.78 1.80 -34.60
N LYS E 107 -5.64 0.90 -35.05
CA LYS E 107 -6.22 0.99 -36.38
C LYS E 107 -7.66 1.48 -36.25
N ARG E 108 -7.95 2.61 -36.86
CA ARG E 108 -9.28 3.19 -36.81
C ARG E 108 -9.81 3.41 -38.23
N THR E 109 -10.97 4.05 -38.33
CA THR E 109 -11.53 4.36 -39.63
C THR E 109 -10.80 5.53 -40.27
N VAL E 110 -10.98 5.68 -41.58
CA VAL E 110 -10.32 6.76 -42.31
C VAL E 110 -10.85 8.10 -41.84
N ALA E 111 -9.95 9.04 -41.60
CA ALA E 111 -10.30 10.38 -41.15
C ALA E 111 -9.72 11.42 -42.11
N ALA E 112 -10.38 12.58 -42.17
CA ALA E 112 -9.95 13.65 -43.06
C ALA E 112 -9.16 14.70 -42.29
N PRO E 113 -8.11 15.27 -42.89
CA PRO E 113 -7.31 16.28 -42.18
C PRO E 113 -7.82 17.69 -42.39
N SER E 114 -8.23 18.35 -41.29
CA SER E 114 -8.56 19.77 -41.37
C SER E 114 -7.29 20.56 -41.68
N VAL E 115 -7.24 21.20 -42.84
CA VAL E 115 -6.02 21.85 -43.30
C VAL E 115 -6.03 23.32 -42.87
N PHE E 116 -4.93 23.75 -42.26
CA PHE E 116 -4.72 25.13 -41.87
C PHE E 116 -3.41 25.62 -42.47
N ILE E 117 -3.28 26.95 -42.57
CA ILE E 117 -2.04 27.54 -43.06
C ILE E 117 -1.87 28.89 -42.37
N PHE E 118 -0.63 29.15 -41.93
CA PHE E 118 -0.32 30.34 -41.15
C PHE E 118 0.70 31.21 -41.86
N PRO E 119 0.50 32.52 -41.89
CA PRO E 119 1.50 33.41 -42.49
C PRO E 119 2.57 33.77 -41.49
N PRO E 120 3.79 34.06 -41.96
CA PRO E 120 4.85 34.46 -41.03
C PRO E 120 4.52 35.76 -40.32
N SER E 121 4.77 35.78 -39.02
CA SER E 121 4.47 36.93 -38.19
C SER E 121 5.43 38.08 -38.48
N ASP E 122 4.97 39.30 -38.20
CA ASP E 122 5.81 40.47 -38.42
C ASP E 122 7.03 40.46 -37.51
N SER E 123 6.92 39.84 -36.33
CA SER E 123 8.06 39.77 -35.42
C SER E 123 9.17 38.87 -35.97
N GLN E 124 8.80 37.83 -36.72
CA GLN E 124 9.80 36.98 -37.34
C GLN E 124 10.44 37.65 -38.55
N LEU E 125 9.68 38.46 -39.29
CA LEU E 125 10.20 39.09 -40.50
C LEU E 125 11.33 40.07 -40.19
N LYS E 126 11.32 40.68 -38.99
CA LYS E 126 12.42 41.57 -38.63
C LYS E 126 13.76 40.83 -38.63
N SER E 127 13.74 39.53 -38.35
CA SER E 127 14.96 38.72 -38.36
C SER E 127 15.37 38.29 -39.77
N GLY E 128 14.68 38.76 -40.80
CA GLY E 128 15.00 38.40 -42.17
C GLY E 128 14.71 36.95 -42.51
N THR E 129 13.61 36.40 -41.98
CA THR E 129 13.25 35.01 -42.21
C THR E 129 11.74 34.89 -42.19
N ALA E 130 11.19 34.09 -43.11
CA ALA E 130 9.75 33.86 -43.19
C ALA E 130 9.49 32.36 -43.22
N SER E 131 8.73 31.88 -42.25
CA SER E 131 8.38 30.46 -42.13
C SER E 131 6.87 30.32 -42.21
N VAL E 132 6.37 29.86 -43.36
CA VAL E 132 4.96 29.56 -43.54
C VAL E 132 4.73 28.13 -43.10
N VAL E 133 3.65 27.90 -42.34
CA VAL E 133 3.36 26.62 -41.73
C VAL E 133 1.99 26.14 -42.20
N CYS E 134 1.96 24.97 -42.83
CA CYS E 134 0.72 24.31 -43.20
C CYS E 134 0.46 23.18 -42.21
N LEU E 135 -0.78 23.07 -41.76
CA LEU E 135 -1.14 22.22 -40.63
C LEU E 135 -2.24 21.26 -41.01
N LEU E 136 -1.95 19.96 -40.97
CA LEU E 136 -2.95 18.91 -41.11
C LEU E 136 -3.31 18.44 -39.71
N ASN E 137 -4.61 18.36 -39.41
CA ASN E 137 -5.04 18.06 -38.05
C ASN E 137 -6.05 16.93 -38.03
N ASN E 138 -5.77 15.92 -37.20
CA ASN E 138 -6.67 14.82 -36.88
C ASN E 138 -7.13 14.09 -38.15
N PHE E 139 -6.24 13.24 -38.64
CA PHE E 139 -6.53 12.41 -39.80
C PHE E 139 -6.00 11.00 -39.57
N TYR E 140 -6.36 10.11 -40.49
CA TYR E 140 -5.94 8.71 -40.44
C TYR E 140 -6.15 8.11 -41.82
N PRO E 141 -5.23 7.26 -42.31
CA PRO E 141 -3.99 6.83 -41.67
C PRO E 141 -2.90 7.90 -41.72
N ARG E 142 -1.69 7.55 -41.27
CA ARG E 142 -0.62 8.53 -41.20
C ARG E 142 -0.20 9.01 -42.58
N GLU E 143 -0.30 8.15 -43.59
CA GLU E 143 0.19 8.50 -44.92
C GLU E 143 -0.55 9.71 -45.48
N ALA E 144 0.23 10.67 -45.97
CA ALA E 144 -0.31 11.89 -46.57
C ALA E 144 0.75 12.47 -47.51
N LYS E 145 0.34 13.48 -48.27
CA LYS E 145 1.22 14.15 -49.21
C LYS E 145 0.95 15.65 -49.16
N VAL E 146 2.00 16.43 -48.90
CA VAL E 146 1.90 17.88 -48.82
C VAL E 146 2.82 18.48 -49.87
N GLN E 147 2.29 19.43 -50.64
CA GLN E 147 3.04 20.13 -51.67
C GLN E 147 2.81 21.63 -51.53
N TRP E 148 3.89 22.39 -51.59
CA TRP E 148 3.82 23.85 -51.46
C TRP E 148 3.74 24.50 -52.83
N LYS E 149 2.98 25.58 -52.92
CA LYS E 149 2.80 26.34 -54.16
C LYS E 149 3.10 27.81 -53.85
N VAL E 150 4.31 28.24 -54.21
CA VAL E 150 4.72 29.64 -54.09
C VAL E 150 4.34 30.32 -55.41
N ASP E 151 3.22 31.04 -55.39
CA ASP E 151 2.65 31.67 -56.59
C ASP E 151 2.51 30.65 -57.72
N ASN E 152 1.73 29.61 -57.44
CA ASN E 152 1.40 28.54 -58.40
C ASN E 152 2.64 27.77 -58.85
N ALA E 153 3.74 27.87 -58.12
CA ALA E 153 4.98 27.17 -58.43
C ALA E 153 5.30 26.18 -57.32
N LEU E 154 5.55 24.93 -57.69
CA LEU E 154 5.81 23.87 -56.72
C LEU E 154 7.28 23.89 -56.32
N GLN E 155 7.56 24.22 -55.07
CA GLN E 155 8.91 24.24 -54.56
C GLN E 155 9.32 22.84 -54.10
N SER E 156 10.61 22.70 -53.81
CA SER E 156 11.17 21.40 -53.43
C SER E 156 12.42 21.62 -52.60
N GLY E 157 12.64 20.74 -51.62
CA GLY E 157 13.81 20.84 -50.76
C GLY E 157 13.86 22.11 -49.93
N ASN E 158 12.70 22.68 -49.61
CA ASN E 158 12.62 23.92 -48.84
C ASN E 158 11.70 23.82 -47.65
N SER E 159 11.13 22.66 -47.37
CA SER E 159 10.18 22.48 -46.28
C SER E 159 10.54 21.22 -45.51
N GLN E 160 10.04 21.16 -44.27
CA GLN E 160 10.27 20.01 -43.40
C GLN E 160 8.96 19.64 -42.73
N GLU E 161 8.68 18.35 -42.65
CA GLU E 161 7.45 17.85 -42.07
C GLU E 161 7.73 17.18 -40.74
N SER E 162 6.74 17.20 -39.86
CA SER E 162 6.86 16.64 -38.51
C SER E 162 5.51 16.06 -38.13
N VAL E 163 5.42 14.73 -38.09
CA VAL E 163 4.20 14.03 -37.73
C VAL E 163 4.18 13.78 -36.23
N THR E 164 3.01 13.89 -35.63
CA THR E 164 2.87 13.60 -34.21
C THR E 164 2.69 12.11 -33.98
N GLU E 165 2.94 11.69 -32.75
CA GLU E 165 2.55 10.34 -32.36
C GLU E 165 1.03 10.23 -32.40
N GLN E 166 0.54 9.02 -32.61
CA GLN E 166 -0.90 8.80 -32.68
C GLN E 166 -1.56 9.26 -31.39
N ASP E 167 -2.62 10.07 -31.54
CA ASP E 167 -3.33 10.59 -30.38
C ASP E 167 -3.92 9.44 -29.56
N SER E 168 -3.88 9.58 -28.24
CA SER E 168 -4.31 8.53 -27.34
C SER E 168 -5.80 8.62 -26.98
N LYS E 169 -6.56 9.46 -27.67
CA LYS E 169 -7.99 9.57 -27.43
C LYS E 169 -8.81 9.24 -28.67
N ASP E 170 -8.49 9.84 -29.82
CA ASP E 170 -9.18 9.57 -31.08
C ASP E 170 -8.32 8.84 -32.10
N SER E 171 -7.09 8.49 -31.74
CA SER E 171 -6.20 7.67 -32.57
C SER E 171 -5.88 8.32 -33.91
N THR E 172 -5.86 9.65 -33.95
CA THR E 172 -5.57 10.40 -35.17
C THR E 172 -4.17 11.00 -35.09
N TYR E 173 -3.70 11.46 -36.24
CA TYR E 173 -2.38 12.06 -36.40
C TYR E 173 -2.50 13.56 -36.61
N SER E 174 -1.36 14.20 -36.84
CA SER E 174 -1.29 15.62 -37.17
C SER E 174 0.08 15.89 -37.76
N LEU E 175 0.12 16.75 -38.78
CA LEU E 175 1.33 16.97 -39.56
C LEU E 175 1.52 18.46 -39.78
N SER E 176 2.79 18.87 -39.88
CA SER E 176 3.12 20.27 -40.10
C SER E 176 4.31 20.35 -41.06
N SER E 177 4.07 20.81 -42.27
CA SER E 177 5.11 21.12 -43.24
C SER E 177 5.41 22.60 -43.16
N THR E 178 6.67 22.95 -42.88
CA THR E 178 7.07 24.33 -42.66
C THR E 178 7.96 24.79 -43.81
N LEU E 179 7.46 25.74 -44.59
CA LEU E 179 8.23 26.35 -45.67
C LEU E 179 8.95 27.57 -45.13
N THR E 180 10.28 27.56 -45.21
CA THR E 180 11.11 28.64 -44.70
C THR E 180 11.84 29.31 -45.86
N LEU E 181 11.65 30.62 -45.99
CA LEU E 181 12.31 31.40 -47.03
C LEU E 181 12.95 32.64 -46.41
N SER E 182 13.86 33.24 -47.17
CA SER E 182 14.43 34.52 -46.76
C SER E 182 13.37 35.62 -46.89
N LYS E 183 13.63 36.74 -46.22
CA LYS E 183 12.69 37.86 -46.29
C LYS E 183 12.60 38.46 -47.69
N ALA E 184 13.64 38.30 -48.51
CA ALA E 184 13.58 38.79 -49.88
C ALA E 184 12.75 37.87 -50.77
N ASP E 185 12.99 36.56 -50.69
CA ASP E 185 12.21 35.61 -51.48
C ASP E 185 10.74 35.63 -51.11
N TYR E 186 10.42 35.90 -49.85
CA TYR E 186 9.02 35.93 -49.43
C TYR E 186 8.32 37.18 -49.95
N GLU E 187 8.96 38.33 -49.81
CA GLU E 187 8.39 39.58 -50.31
C GLU E 187 8.30 39.60 -51.84
N LYS E 188 9.12 38.81 -52.53
CA LYS E 188 9.05 38.72 -53.99
C LYS E 188 7.89 37.86 -54.47
N HIS E 189 6.96 37.49 -53.58
CA HIS E 189 5.80 36.69 -53.94
C HIS E 189 4.63 37.12 -53.09
N LYS E 190 3.42 36.72 -53.52
CA LYS E 190 2.19 37.22 -52.90
C LYS E 190 1.30 36.10 -52.40
N VAL E 191 0.89 35.17 -53.25
CA VAL E 191 -0.10 34.16 -52.92
C VAL E 191 0.61 32.82 -52.77
N TYR E 192 0.60 32.28 -51.55
CA TYR E 192 1.17 30.97 -51.26
C TYR E 192 0.05 29.96 -51.06
N ALA E 193 0.33 28.71 -51.42
CA ALA E 193 -0.67 27.66 -51.37
C ALA E 193 -0.07 26.38 -50.84
N CYS E 194 -0.91 25.57 -50.20
CA CYS E 194 -0.51 24.29 -49.62
C CYS E 194 -1.48 23.24 -50.13
N GLU E 195 -0.97 22.23 -50.83
CA GLU E 195 -1.77 21.23 -51.51
C GLU E 195 -1.64 19.90 -50.78
N VAL E 196 -2.75 19.39 -50.27
CA VAL E 196 -2.78 18.16 -49.46
C VAL E 196 -3.44 17.05 -50.26
N THR E 197 -2.88 15.84 -50.19
CA THR E 197 -3.41 14.67 -50.87
C THR E 197 -3.52 13.54 -49.86
N HIS E 198 -4.70 13.38 -49.26
CA HIS E 198 -4.95 12.34 -48.28
C HIS E 198 -6.01 11.38 -48.79
N GLN E 199 -5.95 10.13 -48.30
CA GLN E 199 -6.93 9.13 -48.69
C GLN E 199 -8.34 9.55 -48.29
N GLY E 200 -8.49 10.21 -47.14
CA GLY E 200 -9.77 10.68 -46.68
C GLY E 200 -10.34 11.85 -47.43
N LEU E 201 -9.64 12.35 -48.45
CA LEU E 201 -10.11 13.46 -49.28
C LEU E 201 -10.44 12.95 -50.67
N SER E 202 -11.66 13.24 -51.13
CA SER E 202 -12.06 12.86 -52.47
C SER E 202 -11.25 13.63 -53.52
N SER E 203 -10.98 14.90 -53.27
CA SER E 203 -10.15 15.73 -54.13
C SER E 203 -9.15 16.48 -53.26
N PRO E 204 -7.95 16.73 -53.78
CA PRO E 204 -6.94 17.46 -52.99
C PRO E 204 -7.42 18.84 -52.56
N VAL E 205 -7.27 19.12 -51.26
CA VAL E 205 -7.65 20.41 -50.67
C VAL E 205 -6.44 21.32 -50.64
N THR E 206 -6.64 22.58 -51.01
CA THR E 206 -5.56 23.56 -51.08
C THR E 206 -6.00 24.83 -50.35
N LYS E 207 -5.36 25.10 -49.22
CA LYS E 207 -5.57 26.33 -48.48
C LYS E 207 -4.50 27.34 -48.88
N SER E 208 -4.92 28.58 -49.12
CA SER E 208 -4.03 29.60 -49.66
C SER E 208 -4.29 30.93 -48.97
N PHE E 209 -3.30 31.82 -49.08
CA PHE E 209 -3.40 33.17 -48.55
C PHE E 209 -2.56 34.10 -49.41
N ASN E 210 -2.95 35.38 -49.42
CA ASN E 210 -2.26 36.42 -50.18
C ASN E 210 -1.46 37.29 -49.22
N ARG E 211 -0.21 37.57 -49.56
CA ARG E 211 0.67 38.34 -48.71
C ARG E 211 0.16 39.76 -48.52
N GLY E 212 -0.21 40.11 -47.29
CA GLY E 212 -0.74 41.43 -47.00
C GLY E 212 -2.24 41.50 -47.05
N GLU E 213 -2.92 40.54 -46.43
CA GLU E 213 -4.37 40.51 -46.40
C GLU E 213 -4.91 40.40 -44.98
#